data_7Q40
#
_entry.id   7Q40
#
_cell.length_a   108.540
_cell.length_b   108.540
_cell.length_c   243.090
_cell.angle_alpha   90.000
_cell.angle_beta   90.000
_cell.angle_gamma   90.000
#
_symmetry.space_group_name_H-M   'P 43 21 2'
#
loop_
_entity.id
_entity.type
_entity.pdbx_description
1 polymer 'E3 ubiquitin-protein ligase HERC2'
2 non-polymer 'CITRIC ACID'
3 water water
#
_entity_poly.entity_id   1
_entity_poly.type   'polypeptide(L)'
_entity_poly.pdbx_seq_one_letter_code
;GAMGSLIRKKAAGLESAATIRTKVFVWGLNDKDQLGGLKGSKIKVPSFSETLSALNVVQVAGGSKSLFAVTVEGKVYACG
EATNGRLGLGISSGTVPIPRQITALSSYVVKKVAVHSGGRHATALTVDGKVFSWGEGDDGKLGHFSRMNCDKPRLIEALK
TKRIRDIACGSSHSAALTSSGELYTWGLGEYGRLGHGDNTTQLKPKMVKVLLGHRVIQVACGSRDAQTLALTDEGLVFSW
GDGDFGKLGRGGSEGCNIPQNIERLNGQGVCQIECGAQFSLALTKSGVVWTWGKGDYFRLGHGSDVHVRKPQVVEGLRGK
KIVHVAVGALHCLAVTDSGQVYAWGDNDHGQQGNGTTTVNRKPTLVQGLEGQKITRVACGSSHSVAWTTVDVATPSVHEP
VLFQT
;
_entity_poly.pdbx_strand_id   A,C,E
#
loop_
_chem_comp.id
_chem_comp.type
_chem_comp.name
_chem_comp.formula
CIT non-polymer 'CITRIC ACID' 'C6 H8 O7'
#
# COMPACT_ATOMS: atom_id res chain seq x y z
N ARG A 21 -44.99 13.24 -19.58
CA ARG A 21 -44.77 12.05 -18.78
C ARG A 21 -43.29 11.63 -18.76
N THR A 22 -42.69 11.60 -17.58
CA THR A 22 -41.28 11.23 -17.44
C THR A 22 -41.19 9.96 -16.60
N LYS A 23 -40.81 8.86 -17.25
CA LYS A 23 -40.74 7.56 -16.58
C LYS A 23 -39.44 7.45 -15.80
N VAL A 24 -39.55 7.10 -14.51
CA VAL A 24 -38.41 7.06 -13.60
C VAL A 24 -38.32 5.68 -12.99
N PHE A 25 -37.10 5.15 -12.94
CA PHE A 25 -36.81 3.80 -12.42
C PHE A 25 -35.73 3.89 -11.35
N VAL A 26 -35.88 3.09 -10.29
CA VAL A 26 -34.99 3.11 -9.14
C VAL A 26 -34.60 1.69 -8.76
N TRP A 27 -33.47 1.56 -8.07
CA TRP A 27 -33.02 0.27 -7.55
C TRP A 27 -31.84 0.52 -6.63
N GLY A 28 -31.37 -0.55 -5.98
CA GLY A 28 -30.32 -0.44 -4.97
C GLY A 28 -30.90 -0.46 -3.57
N LEU A 29 -30.27 0.25 -2.64
CA LEU A 29 -30.62 0.16 -1.23
C LEU A 29 -31.89 0.95 -0.91
N ASN A 30 -32.75 0.36 -0.06
CA ASN A 30 -34.03 0.97 0.30
C ASN A 30 -34.27 0.90 1.80
N ASP A 31 -33.23 0.65 2.59
CA ASP A 31 -33.39 0.49 4.03
C ASP A 31 -34.03 1.71 4.69
N LYS A 32 -33.89 2.90 4.09
CA LYS A 32 -34.53 4.10 4.62
C LYS A 32 -35.55 4.66 3.63
N ASP A 33 -36.10 3.80 2.77
CA ASP A 33 -37.07 4.22 1.77
C ASP A 33 -36.53 5.34 0.88
N GLN A 34 -35.22 5.34 0.63
CA GLN A 34 -34.69 6.35 -0.29
C GLN A 34 -35.11 6.11 -1.74
N LEU A 35 -35.70 4.96 -2.05
CA LEU A 35 -36.19 4.70 -3.40
C LEU A 35 -37.61 5.24 -3.63
N GLY A 36 -38.26 5.78 -2.60
CA GLY A 36 -39.45 6.58 -2.80
C GLY A 36 -40.78 5.85 -2.79
N GLY A 37 -40.81 4.58 -2.40
CA GLY A 37 -42.09 3.89 -2.27
C GLY A 37 -42.11 2.47 -2.78
N LEU A 38 -41.02 1.74 -2.56
CA LEU A 38 -40.90 0.33 -2.91
C LEU A 38 -40.82 -0.51 -1.65
N LYS A 39 -41.38 -1.72 -1.71
CA LYS A 39 -41.23 -2.68 -0.63
C LYS A 39 -39.92 -3.44 -0.80
N GLY A 40 -39.27 -3.71 0.33
CA GLY A 40 -37.97 -4.38 0.32
C GLY A 40 -36.84 -3.40 0.62
N SER A 41 -35.65 -3.97 0.75
CA SER A 41 -34.47 -3.19 1.07
C SER A 41 -33.39 -3.26 0.01
N LYS A 42 -33.19 -4.41 -0.61
CA LYS A 42 -32.27 -4.55 -1.75
C LYS A 42 -33.14 -4.71 -2.99
N ILE A 43 -33.44 -3.60 -3.66
CA ILE A 43 -34.11 -3.64 -4.95
C ILE A 43 -33.04 -3.93 -6.01
N LYS A 44 -33.04 -5.16 -6.54
CA LYS A 44 -31.94 -5.67 -7.34
C LYS A 44 -32.15 -5.50 -8.84
N VAL A 45 -33.37 -5.18 -9.26
CA VAL A 45 -33.75 -4.95 -10.65
C VAL A 45 -34.36 -3.56 -10.70
N PRO A 46 -34.02 -2.72 -11.68
CA PRO A 46 -34.67 -1.40 -11.78
C PRO A 46 -36.18 -1.58 -11.64
N SER A 47 -36.81 -0.63 -10.94
CA SER A 47 -38.25 -0.71 -10.70
C SER A 47 -38.92 0.63 -11.01
N PHE A 48 -40.02 0.58 -11.77
CA PHE A 48 -40.77 1.80 -12.07
C PHE A 48 -41.19 2.48 -10.78
N SER A 49 -40.90 3.76 -10.68
CA SER A 49 -41.29 4.57 -9.52
C SER A 49 -42.59 5.28 -9.87
N GLU A 50 -43.68 4.89 -9.21
CA GLU A 50 -44.94 5.59 -9.44
C GLU A 50 -44.88 7.01 -8.88
N THR A 51 -44.35 7.16 -7.66
CA THR A 51 -44.25 8.50 -7.08
C THR A 51 -43.43 9.42 -7.96
N LEU A 52 -42.23 8.98 -8.35
CA LEU A 52 -41.30 9.88 -9.04
C LEU A 52 -41.72 10.10 -10.50
N SER A 53 -42.23 9.07 -11.17
CA SER A 53 -42.74 9.23 -12.53
C SER A 53 -43.89 10.24 -12.60
N ALA A 54 -44.68 10.33 -11.55
CA ALA A 54 -45.81 11.25 -11.59
C ALA A 54 -45.32 12.69 -11.56
N LEU A 55 -44.19 12.94 -10.90
CA LEU A 55 -43.73 14.31 -10.69
C LEU A 55 -43.33 15.01 -11.98
N ASN A 56 -42.92 14.27 -13.02
CA ASN A 56 -42.39 14.85 -14.25
C ASN A 56 -41.04 15.54 -13.99
N VAL A 57 -40.07 14.69 -13.61
CA VAL A 57 -38.78 15.15 -13.09
C VAL A 57 -37.89 15.66 -14.21
N VAL A 58 -37.15 16.73 -13.92
CA VAL A 58 -36.12 17.23 -14.82
C VAL A 58 -34.76 16.67 -14.36
N GLN A 59 -34.56 16.55 -13.05
CA GLN A 59 -33.32 16.01 -12.51
C GLN A 59 -33.63 15.17 -11.27
N VAL A 60 -32.88 14.09 -11.11
CA VAL A 60 -32.81 13.33 -9.87
C VAL A 60 -31.38 13.36 -9.39
N ALA A 61 -31.21 13.47 -8.07
CA ALA A 61 -29.91 13.54 -7.46
C ALA A 61 -29.93 12.64 -6.23
N GLY A 62 -28.81 11.97 -5.98
CA GLY A 62 -28.76 11.02 -4.88
C GLY A 62 -27.67 11.36 -3.88
N GLY A 63 -28.07 11.46 -2.62
CA GLY A 63 -27.16 11.62 -1.52
C GLY A 63 -27.09 10.39 -0.63
N SER A 64 -26.54 10.58 0.58
CA SER A 64 -26.42 9.47 1.50
C SER A 64 -27.80 8.92 1.89
N LYS A 65 -28.19 7.78 1.32
CA LYS A 65 -29.49 7.19 1.61
C LYS A 65 -30.61 8.21 1.43
N SER A 66 -30.52 9.00 0.36
CA SER A 66 -31.43 10.12 0.13
C SER A 66 -31.64 10.30 -1.36
N LEU A 67 -32.79 10.88 -1.70
CA LEU A 67 -33.13 11.11 -3.09
C LEU A 67 -33.80 12.46 -3.23
N PHE A 68 -33.39 13.20 -4.26
CA PHE A 68 -33.99 14.49 -4.58
C PHE A 68 -34.42 14.50 -6.03
N ALA A 69 -35.50 15.23 -6.32
CA ALA A 69 -36.05 15.32 -7.66
C ALA A 69 -36.50 16.75 -7.93
N VAL A 70 -36.02 17.32 -9.02
CA VAL A 70 -36.40 18.66 -9.44
C VAL A 70 -37.38 18.52 -10.59
N THR A 71 -38.60 19.01 -10.39
CA THR A 71 -39.65 18.83 -11.36
C THR A 71 -39.57 19.89 -12.45
N VAL A 72 -40.27 19.62 -13.55
CA VAL A 72 -40.31 20.56 -14.67
C VAL A 72 -40.94 21.89 -14.26
N GLU A 73 -41.70 21.91 -13.17
CA GLU A 73 -42.24 23.15 -12.64
C GLU A 73 -41.23 23.93 -11.81
N GLY A 74 -40.07 23.36 -11.52
CA GLY A 74 -39.08 24.04 -10.70
C GLY A 74 -39.19 23.75 -9.22
N LYS A 75 -39.96 22.74 -8.83
CA LYS A 75 -40.10 22.36 -7.43
C LYS A 75 -39.12 21.25 -7.11
N VAL A 76 -38.95 20.98 -5.82
CA VAL A 76 -38.02 19.95 -5.36
C VAL A 76 -38.75 19.01 -4.43
N TYR A 77 -38.58 17.70 -4.67
CA TYR A 77 -39.10 16.67 -3.77
C TYR A 77 -37.94 15.87 -3.21
N ALA A 78 -38.08 15.43 -1.96
CA ALA A 78 -37.04 14.69 -1.27
C ALA A 78 -37.65 13.49 -0.57
N CYS A 79 -36.87 12.41 -0.47
CA CYS A 79 -37.23 11.26 0.34
C CYS A 79 -35.93 10.58 0.79
N GLY A 80 -36.06 9.71 1.78
CA GLY A 80 -34.94 8.99 2.35
C GLY A 80 -34.67 9.37 3.78
N GLU A 81 -33.47 9.01 4.26
CA GLU A 81 -33.11 9.25 5.65
C GLU A 81 -33.10 10.74 5.95
N ALA A 82 -33.72 11.11 7.07
CA ALA A 82 -33.88 12.52 7.43
C ALA A 82 -32.78 13.03 8.35
N THR A 83 -31.91 12.14 8.85
CA THR A 83 -30.92 12.53 9.85
C THR A 83 -30.06 13.70 9.37
N ASN A 84 -29.74 14.59 10.31
CA ASN A 84 -28.90 15.75 10.05
C ASN A 84 -29.60 16.80 9.20
N GLY A 85 -30.92 16.69 9.02
CA GLY A 85 -31.65 17.61 8.16
C GLY A 85 -31.29 17.57 6.70
N ARG A 86 -30.75 16.45 6.22
CA ARG A 86 -30.23 16.38 4.87
C ARG A 86 -31.30 16.55 3.79
N LEU A 87 -32.59 16.46 4.14
CA LEU A 87 -33.63 16.52 3.13
C LEU A 87 -34.20 17.92 2.96
N GLY A 88 -33.93 18.84 3.90
CA GLY A 88 -34.42 20.20 3.76
C GLY A 88 -35.90 20.37 4.00
N LEU A 89 -36.53 19.44 4.71
CA LEU A 89 -37.97 19.47 4.96
C LEU A 89 -38.32 19.93 6.37
N GLY A 90 -37.37 20.51 7.10
CA GLY A 90 -37.63 21.02 8.44
C GLY A 90 -37.47 20.03 9.56
N ILE A 91 -37.09 18.78 9.27
CA ILE A 91 -36.90 17.74 10.27
C ILE A 91 -35.44 17.31 10.23
N SER A 92 -34.97 16.71 11.34
CA SER A 92 -33.59 16.26 11.44
C SER A 92 -33.47 14.85 12.02
N SER A 93 -34.57 14.08 12.02
CA SER A 93 -34.54 12.68 12.43
C SER A 93 -35.63 11.91 11.68
N GLY A 94 -35.38 10.63 11.44
CA GLY A 94 -36.37 9.74 10.88
C GLY A 94 -36.15 9.45 9.41
N THR A 95 -37.25 9.10 8.74
CA THR A 95 -37.24 8.85 7.31
C THR A 95 -38.50 9.41 6.66
N VAL A 96 -38.33 9.83 5.41
CA VAL A 96 -39.44 10.30 4.58
C VAL A 96 -39.61 9.30 3.44
N PRO A 97 -40.54 8.36 3.55
CA PRO A 97 -40.65 7.29 2.55
C PRO A 97 -41.47 7.61 1.30
N ILE A 98 -42.12 8.76 1.24
CA ILE A 98 -42.80 9.19 0.02
C ILE A 98 -42.24 10.57 -0.34
N PRO A 99 -41.81 10.79 -1.58
CA PRO A 99 -41.31 12.12 -1.94
C PRO A 99 -42.20 13.26 -1.46
N ARG A 100 -41.63 14.17 -0.66
CA ARG A 100 -42.32 15.37 -0.19
C ARG A 100 -41.67 16.62 -0.80
N GLN A 101 -42.49 17.64 -1.00
CA GLN A 101 -42.00 18.87 -1.59
C GLN A 101 -41.28 19.71 -0.54
N ILE A 102 -40.16 20.32 -0.96
CA ILE A 102 -39.41 21.22 -0.10
C ILE A 102 -40.06 22.59 -0.18
N THR A 103 -41.14 22.78 0.60
CA THR A 103 -41.95 23.98 0.50
C THR A 103 -41.18 25.26 0.79
N ALA A 104 -40.05 25.17 1.50
CA ALA A 104 -39.23 26.36 1.69
C ALA A 104 -38.88 27.01 0.36
N LEU A 105 -38.66 26.20 -0.69
CA LEU A 105 -38.30 26.67 -2.02
C LEU A 105 -39.52 26.83 -2.94
N SER A 106 -40.74 26.74 -2.39
CA SER A 106 -41.93 26.71 -3.24
C SER A 106 -42.05 27.94 -4.13
N SER A 107 -41.58 29.10 -3.68
CA SER A 107 -41.74 30.34 -4.44
C SER A 107 -40.53 30.67 -5.31
N TYR A 108 -39.67 29.69 -5.57
CA TYR A 108 -38.59 29.82 -6.54
C TYR A 108 -38.72 28.69 -7.57
N VAL A 109 -38.12 28.92 -8.73
CA VAL A 109 -38.00 27.89 -9.76
C VAL A 109 -36.61 27.28 -9.61
N VAL A 110 -36.54 26.08 -9.04
CA VAL A 110 -35.25 25.42 -8.84
C VAL A 110 -34.86 24.71 -10.13
N LYS A 111 -33.63 24.97 -10.58
CA LYS A 111 -33.11 24.34 -11.80
C LYS A 111 -32.27 23.11 -11.51
N LYS A 112 -31.68 23.00 -10.32
CA LYS A 112 -30.76 21.89 -10.08
C LYS A 112 -30.48 21.74 -8.59
N VAL A 113 -30.39 20.49 -8.14
CA VAL A 113 -29.98 20.14 -6.79
C VAL A 113 -28.63 19.44 -6.86
N ALA A 114 -27.67 19.91 -6.06
CA ALA A 114 -26.34 19.30 -5.98
C ALA A 114 -26.17 18.65 -4.62
N VAL A 115 -25.89 17.35 -4.63
CA VAL A 115 -25.57 16.58 -3.43
C VAL A 115 -24.55 15.52 -3.81
N HIS A 116 -23.65 15.20 -2.87
CA HIS A 116 -22.72 14.11 -3.10
C HIS A 116 -23.40 12.78 -2.73
N SER A 117 -22.90 11.69 -3.33
CA SER A 117 -23.50 10.39 -3.06
C SER A 117 -23.34 10.00 -1.59
N GLY A 118 -22.30 10.50 -0.92
CA GLY A 118 -22.07 10.22 0.48
C GLY A 118 -22.32 11.47 1.29
N GLY A 119 -23.29 12.27 0.83
CA GLY A 119 -23.50 13.60 1.35
C GLY A 119 -24.69 13.71 2.28
N ARG A 120 -24.55 14.62 3.24
CA ARG A 120 -25.60 14.92 4.22
C ARG A 120 -25.98 16.39 4.16
N HIS A 121 -25.61 17.07 3.09
CA HIS A 121 -25.98 18.45 2.84
C HIS A 121 -26.15 18.62 1.35
N ALA A 122 -26.90 19.64 0.96
CA ALA A 122 -27.12 19.87 -0.48
C ALA A 122 -27.32 21.35 -0.73
N THR A 123 -27.27 21.69 -2.01
CA THR A 123 -27.60 23.02 -2.49
C THR A 123 -28.61 22.90 -3.61
N ALA A 124 -29.38 23.95 -3.79
CA ALA A 124 -30.28 24.09 -4.92
C ALA A 124 -29.97 25.41 -5.62
N LEU A 125 -29.93 25.36 -6.95
CA LEU A 125 -29.71 26.53 -7.79
C LEU A 125 -31.00 26.87 -8.53
N THR A 126 -31.41 28.12 -8.44
CA THR A 126 -32.61 28.55 -9.16
C THR A 126 -32.26 29.01 -10.57
N VAL A 127 -33.30 29.16 -11.40
CA VAL A 127 -33.09 29.54 -12.79
C VAL A 127 -32.58 30.97 -12.90
N ASP A 128 -32.92 31.84 -11.95
CA ASP A 128 -32.37 33.19 -11.93
C ASP A 128 -31.06 33.28 -11.14
N GLY A 129 -30.47 32.15 -10.79
CA GLY A 129 -29.10 32.14 -10.31
C GLY A 129 -28.88 32.34 -8.83
N LYS A 130 -29.92 32.22 -8.00
CA LYS A 130 -29.80 32.17 -6.56
C LYS A 130 -29.48 30.75 -6.11
N VAL A 131 -28.74 30.65 -5.00
CA VAL A 131 -28.30 29.37 -4.46
C VAL A 131 -28.74 29.25 -3.00
N PHE A 132 -29.35 28.12 -2.67
CA PHE A 132 -29.75 27.79 -1.31
C PHE A 132 -29.01 26.55 -0.86
N SER A 133 -28.78 26.44 0.45
CA SER A 133 -28.06 25.30 1.03
C SER A 133 -28.83 24.81 2.26
N TRP A 134 -28.70 23.51 2.55
CA TRP A 134 -29.33 22.94 3.74
C TRP A 134 -28.68 21.59 4.06
N GLY A 135 -28.87 21.17 5.32
CA GLY A 135 -28.37 19.89 5.78
C GLY A 135 -27.30 20.08 6.86
N GLU A 136 -26.37 19.13 6.89
CA GLU A 136 -25.28 19.16 7.86
C GLU A 136 -24.38 20.37 7.63
N GLY A 137 -24.13 21.14 8.69
CA GLY A 137 -23.36 22.36 8.58
C GLY A 137 -21.90 22.25 8.99
N ASP A 138 -21.39 21.05 9.23
CA ASP A 138 -20.01 20.90 9.69
C ASP A 138 -19.03 21.47 8.67
N ASP A 139 -18.00 22.11 9.18
CA ASP A 139 -16.90 22.67 8.39
C ASP A 139 -17.36 23.79 7.47
N GLY A 140 -18.56 24.33 7.68
CA GLY A 140 -19.06 25.47 6.95
C GLY A 140 -19.52 25.19 5.54
N LYS A 141 -19.77 23.93 5.19
CA LYS A 141 -20.13 23.60 3.82
C LYS A 141 -21.45 24.24 3.37
N LEU A 142 -22.28 24.71 4.30
CA LEU A 142 -23.50 25.41 3.90
C LEU A 142 -23.23 26.82 3.39
N GLY A 143 -22.13 27.45 3.84
CA GLY A 143 -21.74 28.75 3.35
C GLY A 143 -22.37 29.92 4.06
N HIS A 144 -22.86 29.74 5.29
CA HIS A 144 -23.49 30.83 6.04
C HIS A 144 -22.60 31.42 7.12
N PHE A 145 -21.28 31.33 6.94
CA PHE A 145 -20.33 31.91 7.90
C PHE A 145 -20.46 31.25 9.26
N SER A 146 -20.90 30.00 9.27
CA SER A 146 -21.13 29.27 10.50
C SER A 146 -20.97 27.79 10.23
N ARG A 147 -21.14 27.01 11.30
CA ARG A 147 -21.13 25.54 11.25
C ARG A 147 -22.48 24.98 11.68
N MET A 148 -23.50 25.82 11.76
CA MET A 148 -24.84 25.37 12.12
C MET A 148 -25.40 24.46 11.03
N ASN A 149 -26.18 23.49 11.46
CA ASN A 149 -27.05 22.74 10.56
C ASN A 149 -28.19 23.63 10.06
N CYS A 150 -28.92 23.15 9.06
CA CYS A 150 -30.05 23.88 8.51
C CYS A 150 -31.10 22.86 8.11
N ASP A 151 -32.23 22.83 8.81
CA ASP A 151 -33.26 21.85 8.52
C ASP A 151 -34.02 22.19 7.25
N LYS A 152 -34.11 23.46 6.91
CA LYS A 152 -34.73 23.96 5.69
C LYS A 152 -33.69 24.75 4.90
N PRO A 153 -33.88 24.88 3.59
CA PRO A 153 -32.91 25.64 2.77
C PRO A 153 -32.79 27.09 3.24
N ARG A 154 -31.59 27.66 3.04
CA ARG A 154 -31.32 29.06 3.34
C ARG A 154 -30.53 29.69 2.19
N LEU A 155 -30.89 30.93 1.85
CA LEU A 155 -30.18 31.64 0.81
C LEU A 155 -28.72 31.87 1.22
N ILE A 156 -27.78 31.40 0.41
CA ILE A 156 -26.39 31.71 0.66
C ILE A 156 -26.20 33.20 0.40
N GLU A 157 -26.35 34.01 1.45
CA GLU A 157 -26.27 35.47 1.30
C GLU A 157 -25.03 35.87 0.52
N ALA A 158 -23.93 35.13 0.69
CA ALA A 158 -22.66 35.56 0.13
C ALA A 158 -22.67 35.57 -1.40
N LEU A 159 -23.56 34.82 -2.04
CA LEU A 159 -23.60 34.75 -3.50
C LEU A 159 -24.72 35.58 -4.12
N LYS A 160 -25.43 36.40 -3.33
CA LYS A 160 -26.57 37.17 -3.85
C LYS A 160 -26.20 37.92 -5.14
N THR A 161 -24.99 38.48 -5.18
CA THR A 161 -24.59 39.39 -6.24
C THR A 161 -24.03 38.68 -7.47
N LYS A 162 -23.96 37.36 -7.47
CA LYS A 162 -23.33 36.60 -8.55
C LYS A 162 -24.38 35.79 -9.29
N ARG A 163 -24.27 35.73 -10.61
CA ARG A 163 -25.16 34.90 -11.41
C ARG A 163 -24.54 33.51 -11.46
N ILE A 164 -25.06 32.61 -10.64
CA ILE A 164 -24.51 31.26 -10.52
C ILE A 164 -25.18 30.36 -11.54
N ARG A 165 -24.38 29.64 -12.32
CA ARG A 165 -24.91 28.78 -13.36
C ARG A 165 -24.72 27.29 -13.08
N ASP A 166 -24.02 26.92 -12.01
CA ASP A 166 -23.88 25.51 -11.65
C ASP A 166 -23.34 25.39 -10.23
N ILE A 167 -23.65 24.24 -9.60
CA ILE A 167 -23.31 23.95 -8.20
C ILE A 167 -22.83 22.52 -8.10
N ALA A 168 -22.01 22.25 -7.08
CA ALA A 168 -21.59 20.90 -6.76
C ALA A 168 -21.34 20.82 -5.26
N CYS A 169 -21.65 19.66 -4.68
CA CYS A 169 -21.37 19.38 -3.27
C CYS A 169 -20.57 18.09 -3.12
N GLY A 170 -19.53 18.14 -2.28
CA GLY A 170 -18.88 16.95 -1.77
C GLY A 170 -19.49 16.54 -0.44
N SER A 171 -18.81 15.62 0.24
CA SER A 171 -19.26 15.25 1.58
C SER A 171 -18.95 16.36 2.59
N SER A 172 -17.96 17.20 2.32
CA SER A 172 -17.47 18.16 3.29
C SER A 172 -17.21 19.56 2.73
N HIS A 173 -17.43 19.77 1.44
CA HIS A 173 -17.32 21.09 0.88
C HIS A 173 -18.35 21.25 -0.24
N SER A 174 -18.45 22.47 -0.76
CA SER A 174 -19.41 22.80 -1.78
C SER A 174 -18.73 23.74 -2.76
N ALA A 175 -19.34 23.87 -3.94
CA ALA A 175 -18.78 24.76 -4.94
C ALA A 175 -19.92 25.39 -5.73
N ALA A 176 -19.64 26.54 -6.32
CA ALA A 176 -20.52 27.18 -7.27
C ALA A 176 -19.66 27.90 -8.28
N LEU A 177 -20.15 27.98 -9.53
CA LEU A 177 -19.45 28.75 -10.55
C LEU A 177 -20.40 29.74 -11.20
N THR A 178 -19.85 30.86 -11.65
CA THR A 178 -20.63 31.97 -12.20
C THR A 178 -20.79 31.86 -13.72
N SER A 179 -21.64 32.72 -14.26
CA SER A 179 -21.76 32.83 -15.72
C SER A 179 -20.43 33.21 -16.35
N SER A 180 -19.68 34.08 -15.70
CA SER A 180 -18.41 34.54 -16.23
C SER A 180 -17.31 33.49 -16.14
N GLY A 181 -17.52 32.40 -15.43
CA GLY A 181 -16.53 31.34 -15.33
C GLY A 181 -15.69 31.33 -14.07
N GLU A 182 -15.93 32.23 -13.12
CA GLU A 182 -15.25 32.17 -11.84
C GLU A 182 -15.80 31.03 -10.98
N LEU A 183 -14.91 30.41 -10.21
CA LEU A 183 -15.29 29.27 -9.38
C LEU A 183 -15.16 29.66 -7.91
N TYR A 184 -16.16 29.30 -7.11
CA TYR A 184 -16.14 29.47 -5.66
C TYR A 184 -16.17 28.11 -4.98
N THR A 185 -15.39 27.97 -3.92
CA THR A 185 -15.42 26.79 -3.08
C THR A 185 -15.50 27.23 -1.63
N TRP A 186 -16.05 26.35 -0.80
CA TRP A 186 -16.12 26.63 0.63
C TRP A 186 -16.40 25.33 1.37
N GLY A 187 -16.16 25.33 2.68
CA GLY A 187 -16.32 24.13 3.47
C GLY A 187 -14.98 23.68 4.06
N LEU A 188 -14.89 22.38 4.32
CA LEU A 188 -13.73 21.85 5.04
C LEU A 188 -12.45 22.08 4.24
N GLY A 189 -11.45 22.67 4.90
CA GLY A 189 -10.21 23.02 4.25
C GLY A 189 -9.19 21.90 4.16
N GLU A 190 -9.33 20.89 5.02
CA GLU A 190 -8.27 19.90 5.20
C GLU A 190 -7.93 19.18 3.88
N TYR A 191 -6.64 18.93 3.69
CA TYR A 191 -6.11 18.24 2.50
C TYR A 191 -6.33 19.02 1.20
N GLY A 192 -6.66 20.31 1.29
CA GLY A 192 -6.53 21.23 0.17
C GLY A 192 -7.66 21.20 -0.84
N ARG A 193 -8.76 20.54 -0.53
CA ARG A 193 -9.86 20.37 -1.48
C ARG A 193 -10.45 21.68 -1.97
N LEU A 194 -10.27 22.78 -1.22
CA LEU A 194 -10.86 24.05 -1.61
C LEU A 194 -10.05 24.76 -2.71
N GLY A 195 -8.73 24.54 -2.76
CA GLY A 195 -7.92 25.04 -3.85
C GLY A 195 -7.44 26.47 -3.72
N HIS A 196 -7.21 26.94 -2.50
CA HIS A 196 -6.76 28.31 -2.29
C HIS A 196 -5.31 28.42 -1.84
N GLY A 197 -4.58 27.31 -1.81
CA GLY A 197 -3.18 27.33 -1.45
C GLY A 197 -2.88 27.10 0.01
N ASP A 198 -3.90 26.96 0.85
CA ASP A 198 -3.74 26.54 2.23
C ASP A 198 -4.75 25.44 2.51
N ASN A 199 -4.83 25.01 3.77
CA ASN A 199 -5.76 23.97 4.17
C ASN A 199 -6.82 24.53 5.13
N THR A 200 -7.12 25.81 5.00
CA THR A 200 -8.01 26.47 5.94
C THR A 200 -9.48 26.25 5.57
N THR A 201 -10.26 25.80 6.54
CA THR A 201 -11.71 25.80 6.38
C THR A 201 -12.20 27.20 6.02
N GLN A 202 -13.13 27.28 5.08
CA GLN A 202 -13.77 28.53 4.69
C GLN A 202 -15.26 28.41 5.01
N LEU A 203 -15.75 29.28 5.90
CA LEU A 203 -17.15 29.23 6.30
C LEU A 203 -18.08 29.96 5.33
N LYS A 204 -17.52 30.72 4.39
CA LYS A 204 -18.24 31.45 3.35
C LYS A 204 -17.57 31.15 2.02
N PRO A 205 -18.33 31.22 0.92
CA PRO A 205 -17.74 30.98 -0.40
C PRO A 205 -16.53 31.86 -0.66
N LYS A 206 -15.44 31.24 -1.11
CA LYS A 206 -14.24 31.96 -1.49
C LYS A 206 -13.87 31.59 -2.92
N MET A 207 -13.47 32.62 -3.68
CA MET A 207 -13.13 32.44 -5.09
C MET A 207 -11.75 31.80 -5.22
N VAL A 208 -11.66 30.76 -6.05
CA VAL A 208 -10.39 30.11 -6.38
C VAL A 208 -9.61 31.01 -7.34
N LYS A 209 -8.73 31.85 -6.80
CA LYS A 209 -8.10 32.89 -7.62
C LYS A 209 -7.15 32.30 -8.68
N VAL A 210 -6.63 31.11 -8.45
CA VAL A 210 -5.71 30.50 -9.42
C VAL A 210 -6.42 30.23 -10.76
N LEU A 211 -7.70 29.86 -10.74
CA LEU A 211 -8.41 29.54 -11.97
C LEU A 211 -8.97 30.77 -12.69
N LEU A 212 -8.53 31.96 -12.36
CA LEU A 212 -8.95 33.16 -13.07
C LEU A 212 -8.26 33.26 -14.41
N GLY A 213 -9.02 33.67 -15.44
CA GLY A 213 -8.56 33.60 -16.82
C GLY A 213 -8.85 32.29 -17.50
N HIS A 214 -9.37 31.31 -16.77
CA HIS A 214 -10.04 30.15 -17.34
C HIS A 214 -11.53 30.29 -17.10
N ARG A 215 -12.33 29.91 -18.08
CA ARG A 215 -13.79 29.90 -17.92
C ARG A 215 -14.18 28.52 -17.41
N VAL A 216 -14.29 28.38 -16.09
CA VAL A 216 -14.74 27.12 -15.48
C VAL A 216 -16.22 26.94 -15.77
N ILE A 217 -16.57 25.81 -16.39
CA ILE A 217 -17.96 25.51 -16.79
C ILE A 217 -18.54 24.32 -16.05
N GLN A 218 -17.76 23.64 -15.22
CA GLN A 218 -18.30 22.55 -14.44
C GLN A 218 -17.31 22.21 -13.33
N VAL A 219 -17.83 21.64 -12.25
CA VAL A 219 -17.02 21.32 -11.08
C VAL A 219 -17.65 20.12 -10.37
N ALA A 220 -16.82 19.33 -9.70
CA ALA A 220 -17.24 18.14 -8.98
C ALA A 220 -16.43 18.00 -7.70
N CYS A 221 -17.09 17.58 -6.62
CA CYS A 221 -16.47 17.45 -5.31
C CYS A 221 -16.61 16.04 -4.78
N GLY A 222 -15.54 15.51 -4.18
CA GLY A 222 -15.53 14.15 -3.64
C GLY A 222 -15.91 14.11 -2.18
N SER A 223 -15.74 12.93 -1.58
CA SER A 223 -16.08 12.73 -0.18
C SER A 223 -14.85 12.37 0.68
N ARG A 224 -15.06 12.38 2.01
CA ARG A 224 -14.03 12.02 3.01
C ARG A 224 -12.74 12.78 2.68
N ASP A 225 -11.59 12.12 2.61
CA ASP A 225 -10.41 12.86 2.22
C ASP A 225 -10.51 13.13 0.73
N ALA A 226 -11.05 14.28 0.37
CA ALA A 226 -11.66 14.47 -0.95
C ALA A 226 -10.76 15.22 -1.92
N GLN A 227 -10.96 14.90 -3.21
CA GLN A 227 -10.48 15.68 -4.34
C GLN A 227 -11.58 16.62 -4.82
N THR A 228 -11.22 17.51 -5.75
CA THR A 228 -12.12 18.43 -6.44
C THR A 228 -11.69 18.48 -7.90
N LEU A 229 -12.67 18.56 -8.80
CA LEU A 229 -12.41 18.65 -10.23
C LEU A 229 -13.08 19.89 -10.80
N ALA A 230 -12.43 20.52 -11.79
CA ALA A 230 -13.02 21.61 -12.55
C ALA A 230 -12.79 21.36 -14.04
N LEU A 231 -13.70 21.85 -14.87
CA LEU A 231 -13.59 21.73 -16.32
C LEU A 231 -13.76 23.11 -16.94
N THR A 232 -12.87 23.48 -17.86
CA THR A 232 -12.96 24.79 -18.49
C THR A 232 -13.59 24.67 -19.88
N ASP A 233 -14.01 25.81 -20.41
CA ASP A 233 -14.65 25.84 -21.73
C ASP A 233 -13.71 25.47 -22.86
N GLU A 234 -12.42 25.29 -22.59
CA GLU A 234 -11.47 24.83 -23.59
C GLU A 234 -11.19 23.34 -23.50
N GLY A 235 -11.90 22.61 -22.63
CA GLY A 235 -11.66 21.20 -22.43
C GLY A 235 -10.64 20.87 -21.38
N LEU A 236 -10.01 21.86 -20.74
CA LEU A 236 -9.02 21.57 -19.72
C LEU A 236 -9.70 21.09 -18.44
N VAL A 237 -9.17 20.01 -17.88
CA VAL A 237 -9.61 19.47 -16.59
C VAL A 237 -8.57 19.81 -15.53
N PHE A 238 -9.05 20.33 -14.40
CA PHE A 238 -8.21 20.59 -13.24
C PHE A 238 -8.63 19.72 -12.07
N SER A 239 -7.67 19.40 -11.21
CA SER A 239 -7.94 18.63 -10.00
C SER A 239 -7.07 19.15 -8.87
N TRP A 240 -7.56 18.99 -7.65
CA TRP A 240 -6.79 19.36 -6.47
C TRP A 240 -7.42 18.67 -5.28
N GLY A 241 -6.78 18.85 -4.11
CA GLY A 241 -7.23 18.22 -2.89
C GLY A 241 -6.46 16.97 -2.55
N ASP A 242 -7.14 15.99 -1.96
CA ASP A 242 -6.46 14.80 -1.47
C ASP A 242 -5.95 13.93 -2.63
N GLY A 243 -4.76 13.39 -2.46
CA GLY A 243 -4.09 12.63 -3.51
C GLY A 243 -4.13 11.13 -3.39
N ASP A 244 -4.55 10.60 -2.22
CA ASP A 244 -4.66 9.16 -2.01
C ASP A 244 -5.23 8.46 -3.24
N PHE A 245 -4.61 7.35 -3.62
CA PHE A 245 -5.13 6.44 -4.65
C PHE A 245 -5.09 7.04 -6.04
N GLY A 246 -4.35 8.14 -6.21
CA GLY A 246 -4.23 8.76 -7.50
C GLY A 246 -5.50 9.38 -8.04
N LYS A 247 -6.42 9.82 -7.16
CA LYS A 247 -7.67 10.36 -7.70
C LYS A 247 -7.48 11.72 -8.34
N LEU A 248 -6.39 12.43 -8.02
CA LEU A 248 -6.07 13.68 -8.69
C LEU A 248 -5.67 13.46 -10.13
N GLY A 249 -5.34 12.23 -10.50
CA GLY A 249 -5.14 11.85 -11.88
C GLY A 249 -3.78 12.14 -12.45
N ARG A 250 -2.82 12.57 -11.63
CA ARG A 250 -1.49 12.87 -12.12
C ARG A 250 -0.44 11.89 -11.61
N GLY A 251 -0.84 10.70 -11.21
CA GLY A 251 0.12 9.70 -10.77
C GLY A 251 0.46 9.82 -9.29
N GLY A 252 1.04 8.74 -8.77
CA GLY A 252 1.43 8.74 -7.36
C GLY A 252 0.23 8.92 -6.44
N SER A 253 0.39 9.78 -5.45
CA SER A 253 -0.61 9.94 -4.41
C SER A 253 -0.40 11.23 -3.61
N GLU A 254 0.27 12.20 -4.21
CA GLU A 254 0.53 13.48 -3.54
C GLU A 254 -0.69 14.42 -3.66
N GLY A 255 -1.18 14.89 -2.52
CA GLY A 255 -2.20 15.91 -2.51
C GLY A 255 -1.68 17.27 -2.98
N CYS A 256 -2.62 18.18 -3.21
CA CYS A 256 -2.28 19.49 -3.75
C CYS A 256 -3.41 20.45 -3.41
N ASN A 257 -3.08 21.57 -2.76
CA ASN A 257 -4.10 22.56 -2.44
C ASN A 257 -4.18 23.67 -3.47
N ILE A 258 -3.63 23.45 -4.66
CA ILE A 258 -3.69 24.40 -5.76
C ILE A 258 -4.16 23.67 -7.00
N PRO A 259 -5.08 24.23 -7.78
CA PRO A 259 -5.62 23.47 -8.93
C PRO A 259 -4.54 23.17 -9.95
N GLN A 260 -4.43 21.90 -10.32
CA GLN A 260 -3.44 21.45 -11.28
C GLN A 260 -4.13 20.79 -12.47
N ASN A 261 -3.60 21.03 -13.65
CA ASN A 261 -4.14 20.49 -14.89
C ASN A 261 -3.85 18.99 -15.01
N ILE A 262 -4.88 18.23 -15.38
CA ILE A 262 -4.73 16.78 -15.60
C ILE A 262 -4.31 16.61 -17.06
N GLU A 263 -3.00 16.55 -17.29
CA GLU A 263 -2.47 16.64 -18.65
C GLU A 263 -3.08 15.58 -19.57
N ARG A 264 -3.31 14.37 -19.05
CA ARG A 264 -3.74 13.26 -19.90
C ARG A 264 -5.07 13.55 -20.59
N LEU A 265 -5.96 14.31 -19.96
CA LEU A 265 -7.29 14.55 -20.52
C LEU A 265 -7.32 15.70 -21.51
N ASN A 266 -6.22 16.45 -21.64
CA ASN A 266 -6.21 17.56 -22.59
C ASN A 266 -6.52 17.07 -24.00
N GLY A 267 -7.24 17.91 -24.76
CA GLY A 267 -7.63 17.58 -26.12
C GLY A 267 -8.62 16.44 -26.25
N GLN A 268 -9.03 15.80 -25.15
CA GLN A 268 -9.94 14.67 -25.23
C GLN A 268 -11.39 15.09 -25.41
N GLY A 269 -11.72 16.35 -25.14
CA GLY A 269 -13.09 16.79 -25.26
C GLY A 269 -13.99 16.47 -24.10
N VAL A 270 -13.43 16.37 -22.89
CA VAL A 270 -14.20 16.11 -21.68
C VAL A 270 -15.35 17.11 -21.58
N CYS A 271 -16.57 16.59 -21.36
CA CYS A 271 -17.74 17.44 -21.19
C CYS A 271 -18.49 17.26 -19.87
N GLN A 272 -18.21 16.22 -19.08
CA GLN A 272 -18.84 16.01 -17.79
C GLN A 272 -17.81 15.39 -16.86
N ILE A 273 -17.86 15.80 -15.58
CA ILE A 273 -16.93 15.28 -14.58
C ILE A 273 -17.71 14.92 -13.33
N GLU A 274 -17.32 13.82 -12.68
CA GLU A 274 -17.99 13.41 -11.46
C GLU A 274 -16.96 12.86 -10.48
N CYS A 275 -17.28 12.90 -9.20
CA CYS A 275 -16.48 12.27 -8.16
C CYS A 275 -17.36 11.33 -7.35
N GLY A 276 -17.04 10.04 -7.38
CA GLY A 276 -17.58 9.07 -6.44
C GLY A 276 -16.79 9.09 -5.15
N ALA A 277 -16.72 7.94 -4.47
CA ALA A 277 -15.91 7.82 -3.26
C ALA A 277 -14.47 7.50 -3.67
N GLN A 278 -13.57 8.45 -3.48
CA GLN A 278 -12.14 8.24 -3.71
C GLN A 278 -11.82 7.93 -5.17
N PHE A 279 -12.69 8.26 -6.12
CA PHE A 279 -12.35 8.09 -7.54
C PHE A 279 -13.00 9.19 -8.38
N SER A 280 -12.53 9.30 -9.61
CA SER A 280 -12.92 10.37 -10.51
C SER A 280 -13.38 9.78 -11.83
N LEU A 281 -14.34 10.45 -12.47
CA LEU A 281 -14.86 9.98 -13.74
C LEU A 281 -15.07 11.15 -14.68
N ALA A 282 -14.76 10.92 -15.96
CA ALA A 282 -14.95 11.94 -16.98
C ALA A 282 -15.62 11.33 -18.21
N LEU A 283 -16.49 12.10 -18.86
CA LEU A 283 -17.14 11.69 -20.09
C LEU A 283 -16.86 12.72 -21.18
N THR A 284 -16.52 12.25 -22.38
CA THR A 284 -16.16 13.15 -23.47
C THR A 284 -17.31 13.31 -24.46
N LYS A 285 -17.31 14.45 -25.15
CA LYS A 285 -18.30 14.70 -26.19
C LYS A 285 -18.41 13.53 -27.18
N SER A 286 -17.31 12.81 -27.42
CA SER A 286 -17.39 11.72 -28.39
C SER A 286 -17.87 10.42 -27.76
N GLY A 287 -18.08 10.36 -26.45
CA GLY A 287 -18.69 9.21 -25.81
C GLY A 287 -17.78 8.31 -25.01
N VAL A 288 -16.51 8.69 -24.82
CA VAL A 288 -15.56 7.89 -24.06
C VAL A 288 -15.70 8.22 -22.57
N VAL A 289 -15.58 7.19 -21.73
CA VAL A 289 -15.57 7.34 -20.27
C VAL A 289 -14.17 7.06 -19.75
N TRP A 290 -13.64 7.97 -18.91
CA TRP A 290 -12.35 7.82 -18.24
C TRP A 290 -12.56 7.80 -16.73
N THR A 291 -11.85 6.90 -16.05
CA THR A 291 -11.91 6.81 -14.59
C THR A 291 -10.52 6.64 -14.02
N TRP A 292 -10.37 7.04 -12.76
CA TRP A 292 -9.11 6.87 -12.06
C TRP A 292 -9.35 7.08 -10.57
N GLY A 293 -8.46 6.52 -9.77
CA GLY A 293 -8.58 6.63 -8.34
C GLY A 293 -8.55 5.27 -7.68
N LYS A 294 -9.27 5.16 -6.56
CA LYS A 294 -9.22 3.96 -5.76
C LYS A 294 -9.98 2.84 -6.46
N GLY A 295 -9.36 1.66 -6.53
CA GLY A 295 -9.88 0.57 -7.32
C GLY A 295 -10.68 -0.45 -6.54
N ASP A 296 -10.57 -0.47 -5.21
CA ASP A 296 -11.25 -1.49 -4.41
C ASP A 296 -12.72 -1.58 -4.80
N TYR A 297 -13.21 -2.83 -4.87
CA TYR A 297 -14.60 -3.13 -5.17
C TYR A 297 -14.98 -2.75 -6.60
N PHE A 298 -13.99 -2.58 -7.49
CA PHE A 298 -14.22 -2.52 -8.93
C PHE A 298 -15.02 -1.28 -9.34
N ARG A 299 -14.91 -0.21 -8.54
CA ARG A 299 -15.66 1.00 -8.85
C ARG A 299 -15.12 1.71 -10.11
N LEU A 300 -13.90 1.38 -10.57
CA LEU A 300 -13.33 2.04 -11.74
C LEU A 300 -13.83 1.47 -13.08
N GLY A 301 -14.27 0.21 -13.10
CA GLY A 301 -14.79 -0.38 -14.32
C GLY A 301 -13.79 -1.02 -15.25
N HIS A 302 -12.54 -1.20 -14.82
CA HIS A 302 -11.52 -1.78 -15.70
C HIS A 302 -11.36 -3.28 -15.55
N GLY A 303 -12.18 -3.94 -14.72
CA GLY A 303 -12.17 -5.38 -14.58
C GLY A 303 -11.31 -5.92 -13.46
N SER A 304 -10.55 -5.07 -12.79
CA SER A 304 -9.72 -5.45 -11.66
C SER A 304 -9.94 -4.41 -10.58
N ASP A 305 -9.50 -4.68 -9.35
CA ASP A 305 -9.71 -3.74 -8.27
C ASP A 305 -8.44 -3.02 -7.86
N VAL A 306 -7.49 -2.85 -8.78
CA VAL A 306 -6.25 -2.11 -8.50
C VAL A 306 -6.51 -0.63 -8.67
N HIS A 307 -5.70 0.16 -8.01
CA HIS A 307 -5.84 1.60 -8.18
C HIS A 307 -5.37 2.01 -9.57
N VAL A 308 -5.84 3.17 -10.01
CA VAL A 308 -5.49 3.73 -11.32
C VAL A 308 -5.17 5.21 -11.09
N ARG A 309 -3.92 5.59 -11.28
CA ARG A 309 -3.45 6.88 -10.79
C ARG A 309 -3.33 7.95 -11.86
N LYS A 310 -3.60 7.60 -13.12
CA LYS A 310 -3.85 8.56 -14.18
C LYS A 310 -5.07 8.10 -14.97
N PRO A 311 -5.83 9.02 -15.56
CA PRO A 311 -7.10 8.63 -16.19
C PRO A 311 -6.89 7.55 -17.23
N GLN A 312 -7.75 6.53 -17.19
CA GLN A 312 -7.70 5.44 -18.14
C GLN A 312 -9.09 5.26 -18.77
N VAL A 313 -9.13 5.13 -20.09
CA VAL A 313 -10.39 4.87 -20.79
C VAL A 313 -11.01 3.58 -20.30
N VAL A 314 -12.30 3.61 -20.01
CA VAL A 314 -13.03 2.40 -19.64
C VAL A 314 -13.26 1.59 -20.90
N GLU A 315 -12.39 0.60 -21.13
CA GLU A 315 -12.40 -0.15 -22.37
C GLU A 315 -13.72 -0.88 -22.59
N GLY A 316 -14.36 -1.35 -21.53
CA GLY A 316 -15.58 -2.10 -21.65
C GLY A 316 -16.73 -1.33 -22.28
N LEU A 317 -16.58 -0.03 -22.49
CA LEU A 317 -17.60 0.76 -23.18
C LEU A 317 -17.13 1.27 -24.54
N ARG A 318 -15.91 0.91 -24.95
CA ARG A 318 -15.42 1.23 -26.29
C ARG A 318 -16.49 0.97 -27.33
N GLY A 319 -16.73 1.97 -28.19
CA GLY A 319 -17.69 1.84 -29.26
C GLY A 319 -19.13 2.11 -28.88
N LYS A 320 -19.44 2.23 -27.60
CA LYS A 320 -20.77 2.65 -27.15
C LYS A 320 -20.72 4.14 -26.84
N LYS A 321 -21.49 4.93 -27.59
CA LYS A 321 -21.50 6.37 -27.36
C LYS A 321 -22.28 6.65 -26.08
N ILE A 322 -21.55 6.94 -25.00
CA ILE A 322 -22.16 7.28 -23.72
C ILE A 322 -22.53 8.75 -23.73
N VAL A 323 -23.77 9.05 -23.36
CA VAL A 323 -24.27 10.43 -23.36
C VAL A 323 -24.50 10.98 -21.96
N HIS A 324 -24.59 10.13 -20.94
CA HIS A 324 -24.74 10.62 -19.59
C HIS A 324 -24.20 9.57 -18.63
N VAL A 325 -23.52 10.05 -17.58
CA VAL A 325 -22.96 9.19 -16.55
C VAL A 325 -23.38 9.72 -15.18
N ALA A 326 -23.30 8.84 -14.19
CA ALA A 326 -23.51 9.17 -12.80
C ALA A 326 -22.69 8.22 -11.96
N VAL A 327 -22.22 8.69 -10.81
CA VAL A 327 -21.40 7.90 -9.90
C VAL A 327 -22.06 7.86 -8.52
N GLY A 328 -22.11 6.67 -7.93
CA GLY A 328 -22.39 6.53 -6.52
C GLY A 328 -21.10 6.47 -5.71
N ALA A 329 -21.18 5.83 -4.55
CA ALA A 329 -19.96 5.66 -3.77
C ALA A 329 -19.04 4.63 -4.42
N LEU A 330 -19.58 3.48 -4.79
CA LEU A 330 -18.81 2.36 -5.30
C LEU A 330 -19.33 1.84 -6.63
N HIS A 331 -20.23 2.56 -7.29
CA HIS A 331 -20.80 2.12 -8.56
C HIS A 331 -20.96 3.31 -9.49
N CYS A 332 -21.03 2.99 -10.79
CA CYS A 332 -21.22 3.95 -11.87
C CYS A 332 -22.36 3.48 -12.78
N LEU A 333 -22.99 4.46 -13.42
CA LEU A 333 -23.98 4.22 -14.45
C LEU A 333 -23.61 5.05 -15.67
N ALA A 334 -23.80 4.47 -16.85
CA ALA A 334 -23.55 5.14 -18.12
C ALA A 334 -24.69 4.82 -19.08
N VAL A 335 -25.19 5.86 -19.76
CA VAL A 335 -26.30 5.74 -20.70
C VAL A 335 -25.74 5.87 -22.11
N THR A 336 -26.16 4.97 -23.00
CA THR A 336 -25.83 5.10 -24.41
C THR A 336 -26.82 6.02 -25.12
N ASP A 337 -26.41 6.53 -26.27
CA ASP A 337 -27.29 7.35 -27.10
C ASP A 337 -28.53 6.58 -27.57
N SER A 338 -28.52 5.26 -27.48
CA SER A 338 -29.65 4.43 -27.87
C SER A 338 -30.54 4.04 -26.69
N GLY A 339 -30.23 4.54 -25.49
CA GLY A 339 -31.09 4.37 -24.34
C GLY A 339 -30.75 3.21 -23.43
N GLN A 340 -29.61 2.55 -23.65
CA GLN A 340 -29.17 1.46 -22.79
C GLN A 340 -28.36 1.99 -21.61
N VAL A 341 -28.55 1.37 -20.46
CA VAL A 341 -27.85 1.73 -19.22
C VAL A 341 -26.84 0.62 -18.90
N TYR A 342 -25.57 1.00 -18.76
CA TYR A 342 -24.53 0.10 -18.26
C TYR A 342 -24.11 0.50 -16.86
N ALA A 343 -23.89 -0.50 -16.02
CA ALA A 343 -23.44 -0.28 -14.64
C ALA A 343 -22.16 -1.06 -14.38
N TRP A 344 -21.35 -0.55 -13.46
CA TRP A 344 -20.26 -1.36 -12.94
C TRP A 344 -19.99 -0.98 -11.49
N GLY A 345 -19.30 -1.89 -10.79
CA GLY A 345 -18.89 -1.64 -9.43
C GLY A 345 -19.54 -2.59 -8.44
N ASP A 346 -19.64 -2.11 -7.19
CA ASP A 346 -20.05 -2.94 -6.07
C ASP A 346 -21.55 -3.18 -6.09
N ASN A 347 -21.97 -4.31 -5.52
CA ASN A 347 -23.37 -4.71 -5.60
C ASN A 347 -23.92 -5.25 -4.28
N ASP A 348 -23.34 -4.82 -3.14
CA ASP A 348 -23.80 -5.33 -1.84
C ASP A 348 -25.31 -5.10 -1.65
N HIS A 349 -25.84 -4.01 -2.19
CA HIS A 349 -27.24 -3.65 -2.00
C HIS A 349 -28.04 -3.72 -3.29
N GLY A 350 -27.53 -4.39 -4.31
CA GLY A 350 -28.26 -4.54 -5.56
C GLY A 350 -28.17 -3.34 -6.48
N GLN A 351 -27.35 -2.34 -6.14
CA GLN A 351 -27.32 -1.12 -6.94
C GLN A 351 -26.81 -1.35 -8.37
N GLN A 352 -26.29 -2.54 -8.69
CA GLN A 352 -25.86 -2.79 -10.07
C GLN A 352 -27.05 -3.04 -11.01
N GLY A 353 -28.19 -3.44 -10.46
CA GLY A 353 -29.33 -3.72 -11.32
C GLY A 353 -29.12 -4.93 -12.20
N ASN A 354 -28.37 -5.91 -11.72
CA ASN A 354 -28.22 -7.16 -12.46
C ASN A 354 -29.04 -8.28 -11.83
N GLY A 355 -29.96 -7.94 -10.93
CA GLY A 355 -30.84 -8.93 -10.33
C GLY A 355 -30.19 -9.80 -9.27
N THR A 356 -28.98 -9.46 -8.84
CA THR A 356 -28.27 -10.19 -7.82
C THR A 356 -27.55 -9.17 -6.95
N THR A 357 -26.67 -9.67 -6.10
CA THR A 357 -25.75 -8.85 -5.34
C THR A 357 -24.31 -9.17 -5.75
N THR A 358 -24.12 -9.58 -7.00
CA THR A 358 -22.80 -9.90 -7.52
C THR A 358 -22.17 -8.66 -8.13
N VAL A 359 -20.91 -8.41 -7.79
CA VAL A 359 -20.22 -7.25 -8.34
C VAL A 359 -20.15 -7.35 -9.87
N ASN A 360 -20.30 -6.21 -10.53
CA ASN A 360 -19.94 -6.05 -11.94
C ASN A 360 -18.49 -5.55 -12.00
N ARG A 361 -17.57 -6.43 -12.37
CA ARG A 361 -16.17 -6.02 -12.51
C ARG A 361 -15.95 -5.17 -13.76
N LYS A 362 -16.80 -5.32 -14.77
CA LYS A 362 -16.76 -4.54 -15.99
C LYS A 362 -18.15 -4.00 -16.25
N PRO A 363 -18.27 -2.99 -17.12
CA PRO A 363 -19.58 -2.41 -17.41
C PRO A 363 -20.55 -3.46 -17.94
N THR A 364 -21.72 -3.53 -17.32
CA THR A 364 -22.70 -4.56 -17.60
C THR A 364 -24.07 -3.95 -17.91
N LEU A 365 -24.71 -4.45 -18.95
CA LEU A 365 -26.04 -3.99 -19.32
C LEU A 365 -26.99 -4.16 -18.14
N VAL A 366 -27.63 -3.07 -17.76
CA VAL A 366 -28.63 -3.13 -16.69
C VAL A 366 -29.89 -3.85 -17.19
N GLN A 367 -30.54 -4.55 -16.28
CA GLN A 367 -31.66 -5.41 -16.58
C GLN A 367 -32.97 -4.62 -16.53
N GLY A 368 -33.99 -5.14 -17.21
CA GLY A 368 -35.36 -4.67 -17.02
C GLY A 368 -35.68 -3.28 -17.53
N LEU A 369 -34.88 -2.74 -18.45
CA LEU A 369 -35.13 -1.41 -19.03
C LEU A 369 -35.33 -1.46 -20.53
N GLU A 370 -35.52 -2.62 -21.13
CA GLU A 370 -35.63 -2.67 -22.57
C GLU A 370 -36.99 -2.16 -23.00
N GLY A 371 -37.00 -1.29 -24.00
CA GLY A 371 -38.17 -0.54 -24.40
C GLY A 371 -38.21 0.86 -23.83
N GLN A 372 -37.47 1.11 -22.76
CA GLN A 372 -37.42 2.41 -22.11
C GLN A 372 -36.16 3.13 -22.59
N LYS A 373 -36.34 4.15 -23.42
CA LYS A 373 -35.20 4.94 -23.88
C LYS A 373 -34.80 5.86 -22.73
N ILE A 374 -33.81 5.42 -21.96
CA ILE A 374 -33.26 6.19 -20.86
C ILE A 374 -32.34 7.27 -21.40
N THR A 375 -32.45 8.48 -20.84
CA THR A 375 -31.59 9.60 -21.20
C THR A 375 -30.72 10.11 -20.05
N ARG A 376 -31.08 9.79 -18.80
CA ARG A 376 -30.40 10.29 -17.63
C ARG A 376 -30.30 9.18 -16.60
N VAL A 377 -29.17 9.12 -15.90
CA VAL A 377 -29.02 8.30 -14.70
C VAL A 377 -28.60 9.23 -13.56
N ALA A 378 -28.89 8.79 -12.33
CA ALA A 378 -28.30 9.38 -11.16
C ALA A 378 -28.01 8.28 -10.14
N CYS A 379 -27.24 8.62 -9.11
CA CYS A 379 -26.88 7.71 -8.04
C CYS A 379 -26.88 8.42 -6.70
N GLY A 380 -27.27 7.68 -5.66
CA GLY A 380 -26.92 8.00 -4.29
C GLY A 380 -25.77 7.11 -3.82
N SER A 381 -25.60 7.06 -2.50
CA SER A 381 -24.53 6.25 -1.92
C SER A 381 -24.61 4.81 -2.42
N SER A 382 -25.79 4.19 -2.35
CA SER A 382 -25.91 2.79 -2.72
C SER A 382 -27.21 2.52 -3.49
N HIS A 383 -27.70 3.51 -4.22
CA HIS A 383 -28.91 3.35 -5.01
C HIS A 383 -28.73 4.00 -6.36
N SER A 384 -29.65 3.69 -7.27
CA SER A 384 -29.53 4.06 -8.67
C SER A 384 -30.86 4.57 -9.20
N VAL A 385 -30.79 5.34 -10.28
CA VAL A 385 -31.97 5.97 -10.88
C VAL A 385 -31.73 6.11 -12.38
N ALA A 386 -32.77 5.83 -13.17
CA ALA A 386 -32.77 6.05 -14.62
C ALA A 386 -34.11 6.64 -15.01
N TRP A 387 -34.09 7.50 -16.03
CA TRP A 387 -35.36 8.09 -16.44
C TRP A 387 -35.26 8.61 -17.87
N THR A 388 -36.44 8.87 -18.45
CA THR A 388 -36.66 9.23 -19.83
C THR A 388 -37.03 10.70 -19.96
N THR A 389 -37.53 11.09 -21.14
CA THR A 389 -38.12 12.42 -21.32
C THR A 389 -39.26 12.37 -22.32
N ILE B 20 -13.68 11.41 19.85
CA ILE B 20 -12.62 11.16 18.90
C ILE B 20 -12.67 9.70 18.41
N ARG B 21 -12.40 9.49 17.11
CA ARG B 21 -12.32 8.15 16.52
C ARG B 21 -10.90 7.89 16.03
N THR B 22 -10.32 6.78 16.45
CA THR B 22 -8.92 6.46 16.16
C THR B 22 -8.85 5.11 15.48
N LYS B 23 -8.15 5.03 14.36
CA LYS B 23 -7.84 3.77 13.69
C LYS B 23 -6.41 3.37 14.04
N VAL B 24 -6.23 2.15 14.54
CA VAL B 24 -4.94 1.72 15.06
C VAL B 24 -4.41 0.57 14.21
N PHE B 25 -3.13 0.63 13.87
CA PHE B 25 -2.46 -0.46 13.16
C PHE B 25 -1.26 -0.93 13.95
N VAL B 26 -1.05 -2.24 13.95
CA VAL B 26 0.01 -2.90 14.71
C VAL B 26 0.74 -3.85 13.77
N TRP B 27 2.03 -4.03 14.02
CA TRP B 27 2.82 -5.04 13.34
C TRP B 27 4.05 -5.35 14.18
N GLY B 28 4.76 -6.40 13.76
CA GLY B 28 5.94 -6.84 14.46
C GLY B 28 5.73 -8.11 15.27
N LEU B 29 6.56 -8.30 16.30
CA LEU B 29 6.53 -9.53 17.05
C LEU B 29 5.21 -9.70 17.77
N ASN B 30 4.70 -10.94 17.78
CA ASN B 30 3.39 -11.21 18.34
C ASN B 30 3.36 -12.53 19.12
N ASP B 31 4.53 -13.05 19.50
CA ASP B 31 4.61 -14.39 20.09
C ASP B 31 3.91 -14.48 21.43
N LYS B 32 3.68 -13.35 22.10
CA LYS B 32 2.91 -13.31 23.34
C LYS B 32 1.61 -12.52 23.17
N ASP B 33 1.13 -12.42 21.92
CA ASP B 33 -0.07 -11.64 21.60
C ASP B 33 0.06 -10.20 22.08
N GLN B 34 1.27 -9.65 22.04
CA GLN B 34 1.42 -8.25 22.41
C GLN B 34 0.79 -7.31 21.38
N LEU B 35 0.43 -7.79 20.20
CA LEU B 35 -0.31 -6.92 19.28
C LEU B 35 -1.82 -6.92 19.56
N GLY B 36 -2.29 -7.66 20.56
CA GLY B 36 -3.65 -7.49 21.04
C GLY B 36 -4.75 -8.18 20.26
N GLY B 37 -4.46 -9.29 19.58
CA GLY B 37 -5.52 -10.06 18.97
C GLY B 37 -5.38 -10.31 17.48
N LEU B 38 -4.17 -10.59 17.01
CA LEU B 38 -3.90 -10.94 15.63
C LEU B 38 -3.33 -12.35 15.59
N LYS B 39 -3.33 -12.93 14.41
CA LYS B 39 -2.92 -14.32 14.25
C LYS B 39 -1.51 -14.38 13.68
N GLY B 40 -0.69 -15.28 14.23
CA GLY B 40 0.66 -15.48 13.78
C GLY B 40 1.69 -14.86 14.72
N SER B 41 2.92 -15.37 14.63
CA SER B 41 3.97 -14.98 15.56
C SER B 41 4.66 -13.67 15.15
N LYS B 42 4.85 -13.44 13.84
CA LYS B 42 5.40 -12.20 13.32
C LYS B 42 4.38 -11.58 12.37
N ILE B 43 4.07 -10.32 12.57
CA ILE B 43 3.27 -9.54 11.63
C ILE B 43 4.21 -8.64 10.85
N LYS B 44 4.37 -8.93 9.56
CA LYS B 44 5.33 -8.24 8.70
C LYS B 44 4.75 -7.01 8.01
N VAL B 45 3.42 -6.86 7.99
CA VAL B 45 2.80 -5.72 7.34
C VAL B 45 1.86 -5.06 8.34
N PRO B 46 1.67 -3.75 8.29
CA PRO B 46 0.79 -3.11 9.28
C PRO B 46 -0.62 -3.67 9.17
N SER B 47 -1.23 -3.93 10.32
CA SER B 47 -2.49 -4.64 10.37
C SER B 47 -3.47 -3.90 11.26
N PHE B 48 -4.68 -3.72 10.74
CA PHE B 48 -5.75 -3.07 11.50
C PHE B 48 -6.05 -3.85 12.76
N SER B 49 -6.02 -3.16 13.90
CA SER B 49 -6.34 -3.76 15.21
C SER B 49 -7.77 -3.36 15.58
N GLU B 50 -8.68 -4.32 15.52
CA GLU B 50 -10.05 -4.04 15.93
C GLU B 50 -10.14 -3.74 17.43
N THR B 51 -9.39 -4.48 18.25
CA THR B 51 -9.48 -4.27 19.70
C THR B 51 -8.96 -2.89 20.11
N LEU B 52 -7.79 -2.52 19.61
CA LEU B 52 -7.24 -1.21 19.96
C LEU B 52 -8.02 -0.08 19.30
N SER B 53 -8.49 -0.31 18.07
CA SER B 53 -9.25 0.74 17.40
C SER B 53 -10.54 1.05 18.15
N ALA B 54 -11.09 0.07 18.87
CA ALA B 54 -12.35 0.30 19.57
C ALA B 54 -12.17 1.10 20.85
N LEU B 55 -10.94 1.35 21.30
CA LEU B 55 -10.75 1.98 22.60
C LEU B 55 -10.75 3.51 22.57
N ASN B 56 -10.64 4.14 21.40
CA ASN B 56 -10.48 5.60 21.29
C ASN B 56 -9.19 6.05 22.00
N VAL B 57 -8.07 5.54 21.49
CA VAL B 57 -6.79 5.72 22.16
C VAL B 57 -6.27 7.13 21.92
N VAL B 58 -5.85 7.78 23.01
CA VAL B 58 -5.04 8.99 22.92
C VAL B 58 -3.55 8.71 23.04
N GLN B 59 -3.16 7.61 23.67
CA GLN B 59 -1.76 7.23 23.79
C GLN B 59 -1.60 5.71 23.69
N VAL B 60 -0.44 5.29 23.19
CA VAL B 60 -0.05 3.89 23.15
C VAL B 60 1.45 3.83 23.42
N ALA B 61 1.87 2.83 24.20
CA ALA B 61 3.27 2.67 24.59
C ALA B 61 3.62 1.19 24.65
N GLY B 62 4.79 0.84 24.10
CA GLY B 62 5.22 -0.54 24.02
C GLY B 62 6.35 -0.83 24.98
N GLY B 63 6.23 -1.93 25.71
CA GLY B 63 7.28 -2.44 26.55
C GLY B 63 7.87 -3.72 25.99
N SER B 64 8.48 -4.49 26.89
CA SER B 64 9.07 -5.78 26.53
C SER B 64 7.96 -6.78 26.28
N LYS B 65 7.65 -7.01 25.01
CA LYS B 65 6.54 -7.88 24.57
C LYS B 65 5.22 -7.46 25.21
N SER B 66 4.98 -6.16 25.33
CA SER B 66 3.79 -5.66 25.99
C SER B 66 3.23 -4.44 25.27
N LEU B 67 1.95 -4.17 25.49
CA LEU B 67 1.33 -2.98 24.93
C LEU B 67 0.38 -2.37 25.95
N PHE B 68 0.45 -1.04 26.07
CA PHE B 68 -0.44 -0.24 26.90
C PHE B 68 -1.14 0.78 26.02
N ALA B 69 -2.44 0.96 26.25
CA ALA B 69 -3.22 2.01 25.60
C ALA B 69 -3.98 2.80 26.65
N VAL B 70 -3.94 4.13 26.53
CA VAL B 70 -4.74 5.04 27.33
C VAL B 70 -5.86 5.57 26.45
N THR B 71 -7.08 5.57 26.97
CA THR B 71 -8.24 5.99 26.19
C THR B 71 -8.60 7.45 26.47
N VAL B 72 -9.46 7.99 25.62
CA VAL B 72 -9.90 9.37 25.76
C VAL B 72 -10.64 9.56 27.08
N GLU B 73 -11.27 8.51 27.60
CA GLU B 73 -11.91 8.62 28.91
C GLU B 73 -10.88 8.58 30.04
N GLY B 74 -9.66 8.13 29.78
CA GLY B 74 -8.65 8.00 30.82
C GLY B 74 -8.52 6.63 31.43
N LYS B 75 -9.09 5.60 30.81
CA LYS B 75 -8.88 4.21 31.16
C LYS B 75 -7.58 3.72 30.51
N VAL B 76 -7.01 2.66 31.10
CA VAL B 76 -5.75 2.09 30.63
C VAL B 76 -5.96 0.62 30.36
N TYR B 77 -5.42 0.13 29.24
CA TYR B 77 -5.54 -1.26 28.86
C TYR B 77 -4.16 -1.82 28.56
N ALA B 78 -3.99 -3.12 28.82
CA ALA B 78 -2.71 -3.79 28.62
C ALA B 78 -2.94 -5.13 27.92
N CYS B 79 -1.89 -5.61 27.25
CA CYS B 79 -1.90 -6.95 26.69
C CYS B 79 -0.46 -7.37 26.41
N GLY B 80 -0.27 -8.68 26.29
CA GLY B 80 1.02 -9.21 25.97
C GLY B 80 1.57 -10.13 27.04
N GLU B 81 2.89 -10.14 27.22
CA GLU B 81 3.49 -10.98 28.25
C GLU B 81 3.14 -10.42 29.63
N ALA B 82 2.79 -11.30 30.56
CA ALA B 82 2.35 -10.91 31.89
C ALA B 82 3.41 -11.09 32.96
N THR B 83 4.55 -11.70 32.60
CA THR B 83 5.61 -11.98 33.56
C THR B 83 6.03 -10.73 34.34
N ASN B 84 6.38 -10.92 35.61
CA ASN B 84 6.85 -9.89 36.53
C ASN B 84 5.75 -8.89 36.91
N GLY B 85 4.49 -9.21 36.65
CA GLY B 85 3.44 -8.24 36.85
C GLY B 85 3.55 -7.05 35.94
N ARG B 86 4.28 -7.17 34.82
CA ARG B 86 4.61 -6.02 33.99
C ARG B 86 3.36 -5.35 33.38
N LEU B 87 2.24 -6.07 33.30
CA LEU B 87 1.05 -5.51 32.70
C LEU B 87 0.15 -4.80 33.70
N GLY B 88 0.36 -5.01 35.00
CA GLY B 88 -0.47 -4.35 35.99
C GLY B 88 -1.84 -4.96 36.21
N LEU B 89 -2.07 -6.19 35.74
CA LEU B 89 -3.38 -6.81 35.75
C LEU B 89 -3.55 -7.81 36.90
N GLY B 90 -2.86 -7.59 38.02
CA GLY B 90 -2.96 -8.51 39.13
C GLY B 90 -2.41 -9.90 38.90
N ILE B 91 -1.61 -10.10 37.85
CA ILE B 91 -1.04 -11.42 37.56
C ILE B 91 0.44 -11.28 37.22
N SER B 92 1.14 -12.40 37.32
CA SER B 92 2.59 -12.40 37.11
C SER B 92 3.04 -13.52 36.17
N SER B 93 2.13 -14.13 35.41
CA SER B 93 2.56 -15.18 34.49
C SER B 93 1.58 -15.31 33.34
N GLY B 94 2.08 -15.75 32.20
CA GLY B 94 1.25 -16.02 31.06
C GLY B 94 1.27 -14.89 30.06
N THR B 95 0.18 -14.81 29.32
CA THR B 95 -0.03 -13.76 28.34
C THR B 95 -1.46 -13.29 28.45
N VAL B 96 -1.69 -12.06 28.04
CA VAL B 96 -3.01 -11.47 27.94
C VAL B 96 -3.25 -11.09 26.49
N PRO B 97 -3.98 -11.91 25.73
CA PRO B 97 -4.02 -11.76 24.28
C PRO B 97 -5.02 -10.74 23.77
N ILE B 98 -5.62 -9.95 24.64
CA ILE B 98 -6.57 -8.94 24.18
C ILE B 98 -6.36 -7.75 25.10
N PRO B 99 -6.38 -6.51 24.61
CA PRO B 99 -6.24 -5.38 25.53
C PRO B 99 -7.27 -5.46 26.63
N ARG B 100 -6.81 -5.46 27.87
CA ARG B 100 -7.63 -5.66 29.04
C ARG B 100 -7.42 -4.49 30.00
N GLN B 101 -8.51 -4.00 30.57
CA GLN B 101 -8.45 -2.77 31.36
C GLN B 101 -7.71 -2.98 32.68
N ILE B 102 -6.78 -2.08 32.97
CA ILE B 102 -6.12 -2.07 34.28
C ILE B 102 -7.09 -1.48 35.28
N THR B 103 -7.92 -2.35 35.89
CA THR B 103 -9.03 -1.89 36.72
C THR B 103 -8.58 -1.21 38.02
N ALA B 104 -7.33 -1.41 38.44
CA ALA B 104 -6.87 -0.74 39.65
C ALA B 104 -6.84 0.78 39.48
N LEU B 105 -6.73 1.26 38.25
CA LEU B 105 -6.67 2.68 37.94
C LEU B 105 -8.01 3.25 37.48
N SER B 106 -9.11 2.53 37.67
CA SER B 106 -10.39 2.97 37.11
C SER B 106 -10.97 4.18 37.84
N SER B 107 -10.62 4.37 39.12
CA SER B 107 -11.05 5.57 39.86
C SER B 107 -10.24 6.80 39.50
N TYR B 108 -9.33 6.70 38.54
CA TYR B 108 -8.46 7.83 38.18
C TYR B 108 -8.53 8.04 36.68
N VAL B 109 -8.36 9.29 36.27
CA VAL B 109 -8.23 9.64 34.85
C VAL B 109 -6.74 9.69 34.53
N VAL B 110 -6.27 8.70 33.78
CA VAL B 110 -4.87 8.59 33.38
C VAL B 110 -4.68 9.31 32.06
N LYS B 111 -3.57 10.07 31.93
CA LYS B 111 -3.27 10.70 30.65
C LYS B 111 -2.02 10.17 29.98
N LYS B 112 -1.21 9.36 30.67
CA LYS B 112 -0.02 8.81 30.04
C LYS B 112 0.47 7.58 30.80
N VAL B 113 1.00 6.63 30.05
CA VAL B 113 1.69 5.47 30.58
C VAL B 113 3.11 5.51 30.05
N ALA B 114 4.09 5.34 30.94
CA ALA B 114 5.51 5.38 30.59
C ALA B 114 6.10 3.99 30.78
N VAL B 115 6.77 3.52 29.73
CA VAL B 115 7.39 2.19 29.72
C VAL B 115 8.51 2.25 28.69
N HIS B 116 9.60 1.55 28.99
CA HIS B 116 10.68 1.47 28.01
C HIS B 116 10.40 0.31 27.07
N SER B 117 10.88 0.44 25.83
CA SER B 117 10.69 -0.62 24.85
C SER B 117 11.16 -1.97 25.38
N GLY B 118 12.16 -1.97 26.27
CA GLY B 118 12.61 -3.19 26.89
C GLY B 118 12.29 -3.23 28.37
N GLY B 119 11.25 -2.52 28.79
CA GLY B 119 10.95 -2.43 30.20
C GLY B 119 10.01 -3.52 30.67
N ARG B 120 10.19 -3.90 31.93
CA ARG B 120 9.32 -4.82 32.65
C ARG B 120 8.59 -4.12 33.80
N HIS B 121 8.58 -2.79 33.79
CA HIS B 121 7.81 -2.01 34.75
C HIS B 121 7.34 -0.75 34.03
N ALA B 122 6.31 -0.12 34.59
CA ALA B 122 5.70 1.04 33.96
C ALA B 122 5.12 1.95 35.03
N THR B 123 4.93 3.22 34.66
CA THR B 123 4.23 4.18 35.49
C THR B 123 3.03 4.76 34.72
N ALA B 124 2.10 5.34 35.45
CA ALA B 124 0.94 6.01 34.86
C ALA B 124 0.78 7.36 35.53
N LEU B 125 0.55 8.40 34.74
CA LEU B 125 0.38 9.76 35.25
C LEU B 125 -1.08 10.18 35.11
N THR B 126 -1.71 10.57 36.22
CA THR B 126 -3.10 11.03 36.14
C THR B 126 -3.16 12.50 35.74
N VAL B 127 -4.38 12.96 35.45
CA VAL B 127 -4.56 14.34 35.02
C VAL B 127 -4.28 15.32 36.15
N ASP B 128 -4.56 14.93 37.40
CA ASP B 128 -4.25 15.79 38.54
C ASP B 128 -2.86 15.53 39.14
N GLY B 129 -1.95 14.90 38.39
CA GLY B 129 -0.55 14.87 38.74
C GLY B 129 -0.10 13.74 39.65
N LYS B 130 -0.87 12.68 39.79
CA LYS B 130 -0.48 11.52 40.59
C LYS B 130 0.24 10.49 39.72
N VAL B 131 1.10 9.69 40.33
CA VAL B 131 1.92 8.70 39.64
C VAL B 131 1.76 7.33 40.30
N PHE B 132 1.37 6.35 39.51
CA PHE B 132 1.29 4.96 39.92
C PHE B 132 2.33 4.16 39.15
N SER B 133 2.80 3.06 39.75
CA SER B 133 3.82 2.23 39.12
C SER B 133 3.53 0.77 39.40
N TRP B 134 4.05 -0.11 38.56
CA TRP B 134 3.81 -1.53 38.73
C TRP B 134 4.85 -2.31 37.92
N GLY B 135 4.90 -3.60 38.18
CA GLY B 135 5.81 -4.43 37.45
C GLY B 135 7.02 -4.85 38.27
N GLU B 136 8.16 -4.94 37.60
CA GLU B 136 9.35 -5.47 38.22
C GLU B 136 9.90 -4.48 39.24
N GLY B 137 10.28 -4.99 40.40
CA GLY B 137 10.64 -4.13 41.51
C GLY B 137 12.12 -3.86 41.65
N ASP B 138 12.93 -4.64 40.93
CA ASP B 138 14.39 -4.61 41.10
C ASP B 138 14.92 -3.19 41.16
N ASP B 139 15.86 -2.96 42.09
CA ASP B 139 16.64 -1.74 42.15
C ASP B 139 15.79 -0.52 42.50
N GLY B 140 14.60 -0.73 43.04
CA GLY B 140 13.76 0.33 43.52
C GLY B 140 13.10 1.16 42.44
N LYS B 141 13.05 0.64 41.20
CA LYS B 141 12.60 1.45 40.08
C LYS B 141 11.10 1.74 40.16
N LEU B 142 10.37 1.02 41.01
CA LEU B 142 8.96 1.31 41.25
C LEU B 142 8.77 2.50 42.19
N GLY B 143 9.78 2.85 42.97
CA GLY B 143 9.75 4.04 43.82
C GLY B 143 9.02 3.92 45.15
N HIS B 144 8.82 2.72 45.68
CA HIS B 144 8.12 2.52 46.95
C HIS B 144 9.04 2.08 48.09
N PHE B 145 10.27 2.59 48.10
CA PHE B 145 11.24 2.25 49.15
C PHE B 145 11.49 0.75 49.25
N SER B 146 11.43 0.05 48.13
CA SER B 146 11.56 -1.41 48.15
C SER B 146 12.06 -1.92 46.81
N ARG B 147 12.43 -3.19 46.81
CA ARG B 147 12.82 -3.89 45.60
C ARG B 147 11.80 -4.94 45.19
N MET B 148 10.61 -4.95 45.81
CA MET B 148 9.61 -5.99 45.57
C MET B 148 8.72 -5.65 44.37
N ASN B 149 8.32 -6.69 43.64
CA ASN B 149 7.43 -6.53 42.50
C ASN B 149 6.03 -6.07 42.93
N CYS B 150 5.40 -5.27 42.06
CA CYS B 150 4.00 -4.91 42.18
C CYS B 150 3.25 -5.43 40.96
N ASP B 151 2.31 -6.34 41.17
CA ASP B 151 1.46 -6.87 40.11
C ASP B 151 0.31 -5.95 39.75
N LYS B 152 -0.05 -5.02 40.62
CA LYS B 152 -1.09 -4.03 40.38
C LYS B 152 -0.49 -2.65 40.53
N PRO B 153 -1.06 -1.64 39.88
CA PRO B 153 -0.49 -0.29 40.03
C PRO B 153 -0.62 0.21 41.46
N ARG B 154 0.37 0.99 41.88
CA ARG B 154 0.46 1.47 43.25
C ARG B 154 0.95 2.91 43.24
N LEU B 155 0.28 3.75 44.02
CA LEU B 155 0.63 5.16 44.10
C LEU B 155 2.03 5.34 44.68
N ILE B 156 2.83 6.18 44.04
CA ILE B 156 4.17 6.52 44.53
C ILE B 156 3.97 7.62 45.57
N GLU B 157 3.85 7.23 46.84
CA GLU B 157 3.47 8.22 47.85
C GLU B 157 4.54 9.29 48.01
N ALA B 158 5.79 9.01 47.64
CA ALA B 158 6.85 9.99 47.80
C ALA B 158 6.61 11.21 46.92
N LEU B 159 5.76 11.08 45.90
CA LEU B 159 5.43 12.14 44.97
C LEU B 159 4.08 12.79 45.24
N LYS B 160 3.40 12.39 46.32
CA LYS B 160 2.02 12.84 46.53
C LYS B 160 1.90 14.36 46.53
N THR B 161 2.88 15.07 47.13
CA THR B 161 2.82 16.52 47.24
C THR B 161 3.29 17.25 45.99
N LYS B 162 3.60 16.55 44.89
CA LYS B 162 4.14 17.19 43.70
C LYS B 162 3.16 16.99 42.54
N ARG B 163 2.88 18.07 41.81
CA ARG B 163 2.09 17.99 40.58
C ARG B 163 3.00 17.52 39.45
N ILE B 164 3.03 16.22 39.22
CA ILE B 164 3.84 15.65 38.15
C ILE B 164 3.10 15.88 36.83
N ARG B 165 3.84 16.30 35.81
CA ARG B 165 3.24 16.52 34.49
C ARG B 165 3.85 15.68 33.37
N ASP B 166 4.99 15.02 33.59
CA ASP B 166 5.46 14.04 32.62
C ASP B 166 6.21 12.93 33.38
N ILE B 167 6.38 11.81 32.69
CA ILE B 167 7.01 10.62 33.27
C ILE B 167 7.77 9.91 32.16
N ALA B 168 8.75 9.11 32.57
CA ALA B 168 9.50 8.26 31.66
C ALA B 168 10.00 7.08 32.49
N CYS B 169 10.18 5.95 31.83
CA CYS B 169 10.74 4.77 32.47
C CYS B 169 11.80 4.12 31.57
N GLY B 170 12.91 3.73 32.19
CA GLY B 170 13.90 2.90 31.54
C GLY B 170 13.66 1.44 31.88
N SER B 171 14.61 0.60 31.47
CA SER B 171 14.58 -0.78 31.91
C SER B 171 14.92 -0.94 33.38
N SER B 172 15.53 0.08 33.99
CA SER B 172 16.12 -0.10 35.31
C SER B 172 15.95 1.10 36.23
N HIS B 173 15.44 2.22 35.73
CA HIS B 173 15.15 3.39 36.55
C HIS B 173 13.95 4.11 35.96
N SER B 174 13.52 5.17 36.66
CA SER B 174 12.31 5.90 36.32
C SER B 174 12.56 7.39 36.58
N ALA B 175 11.70 8.22 36.01
CA ALA B 175 11.81 9.67 36.19
C ALA B 175 10.42 10.29 36.16
N ALA B 176 10.29 11.44 36.81
CA ALA B 176 9.06 12.21 36.78
C ALA B 176 9.43 13.67 36.94
N LEU B 177 8.75 14.55 36.22
CA LEU B 177 9.05 15.96 36.32
C LEU B 177 7.78 16.71 36.69
N THR B 178 7.94 17.77 37.49
CA THR B 178 6.85 18.53 38.05
C THR B 178 6.38 19.63 37.10
N SER B 179 5.25 20.26 37.47
CA SER B 179 4.78 21.43 36.72
C SER B 179 5.84 22.51 36.71
N SER B 180 6.51 22.71 37.84
CA SER B 180 7.45 23.82 37.99
C SER B 180 8.78 23.57 37.30
N GLY B 181 9.07 22.33 36.89
CA GLY B 181 10.27 22.07 36.12
C GLY B 181 11.33 21.19 36.77
N GLU B 182 11.08 20.72 37.99
CA GLU B 182 12.00 19.84 38.71
C GLU B 182 11.95 18.42 38.16
N LEU B 183 13.07 17.73 38.28
CA LEU B 183 13.20 16.37 37.76
C LEU B 183 13.53 15.41 38.89
N TYR B 184 12.73 14.35 39.02
CA TYR B 184 13.02 13.25 39.93
C TYR B 184 13.41 12.01 39.17
N THR B 185 14.43 11.31 39.67
CA THR B 185 14.83 10.02 39.15
C THR B 185 14.94 9.04 40.32
N TRP B 186 14.79 7.75 40.00
CA TRP B 186 15.00 6.71 41.00
C TRP B 186 15.24 5.39 40.29
N GLY B 187 15.72 4.41 41.06
CA GLY B 187 16.03 3.09 40.52
C GLY B 187 17.52 2.78 40.62
N LEU B 188 17.98 1.99 39.66
CA LEU B 188 19.38 1.56 39.65
C LEU B 188 20.31 2.74 39.46
N GLY B 189 21.32 2.86 40.32
CA GLY B 189 22.26 3.96 40.28
C GLY B 189 23.48 3.74 39.43
N GLU B 190 23.63 2.52 38.93
CA GLU B 190 24.83 2.07 38.23
C GLU B 190 25.12 2.92 36.99
N TYR B 191 26.39 3.32 36.84
CA TYR B 191 26.87 4.10 35.69
C TYR B 191 26.26 5.49 35.61
N GLY B 192 25.65 5.97 36.70
CA GLY B 192 25.28 7.36 36.84
C GLY B 192 23.94 7.76 36.26
N ARG B 193 23.10 6.82 35.86
CA ARG B 193 21.87 7.14 35.13
C ARG B 193 20.88 7.96 35.94
N LEU B 194 21.02 7.98 37.27
CA LEU B 194 20.13 8.79 38.09
C LEU B 194 20.54 10.26 38.09
N GLY B 195 21.82 10.55 37.80
CA GLY B 195 22.30 11.92 37.69
C GLY B 195 22.47 12.67 38.99
N HIS B 196 22.72 11.98 40.10
CA HIS B 196 22.90 12.62 41.38
C HIS B 196 24.36 12.80 41.76
N GLY B 197 25.28 12.62 40.82
CA GLY B 197 26.69 12.73 41.14
C GLY B 197 27.28 11.52 41.84
N ASP B 198 26.66 10.36 41.71
CA ASP B 198 27.22 9.12 42.24
C ASP B 198 26.52 7.98 41.50
N ASN B 199 26.87 6.75 41.88
CA ASN B 199 26.33 5.53 41.29
C ASN B 199 25.41 4.80 42.26
N THR B 200 24.82 5.52 43.22
CA THR B 200 24.04 4.89 44.29
C THR B 200 22.59 4.68 43.87
N THR B 201 22.09 3.46 44.07
CA THR B 201 20.69 3.17 43.80
C THR B 201 19.81 4.01 44.71
N GLN B 202 18.63 4.38 44.20
CA GLN B 202 17.64 5.18 44.93
C GLN B 202 16.30 4.46 44.89
N LEU B 203 15.81 4.00 46.04
CA LEU B 203 14.53 3.30 46.12
C LEU B 203 13.35 4.25 46.13
N LYS B 204 13.58 5.56 46.19
CA LYS B 204 12.56 6.55 46.31
C LYS B 204 12.91 7.67 45.34
N PRO B 205 11.91 8.31 44.73
CA PRO B 205 12.22 9.43 43.82
C PRO B 205 13.12 10.45 44.52
N LYS B 206 14.13 10.92 43.79
CA LYS B 206 15.08 11.90 44.29
C LYS B 206 15.28 13.00 43.25
N MET B 207 15.27 14.25 43.71
CA MET B 207 15.35 15.40 42.81
C MET B 207 16.78 15.56 42.29
N VAL B 208 16.90 15.81 40.98
CA VAL B 208 18.18 16.03 40.30
C VAL B 208 18.61 17.49 40.51
N LYS B 209 19.38 17.74 41.57
CA LYS B 209 19.66 19.11 42.00
C LYS B 209 20.43 19.92 40.95
N VAL B 210 21.28 19.26 40.16
CA VAL B 210 22.08 20.00 39.19
C VAL B 210 21.20 20.75 38.20
N LEU B 211 20.04 20.19 37.85
CA LEU B 211 19.15 20.81 36.88
C LEU B 211 18.27 21.90 37.47
N LEU B 212 18.27 22.08 38.79
CA LEU B 212 17.54 23.17 39.41
C LEU B 212 17.87 24.48 38.73
N GLY B 213 16.85 25.29 38.47
CA GLY B 213 16.98 26.51 37.71
C GLY B 213 16.67 26.36 36.25
N HIS B 214 16.65 25.14 35.74
CA HIS B 214 16.12 24.84 34.41
C HIS B 214 14.72 24.27 34.58
N ARG B 215 13.78 24.79 33.79
N ARG B 215 13.79 24.77 33.78
CA ARG B 215 12.47 24.16 33.72
CA ARG B 215 12.46 24.17 33.73
C ARG B 215 12.57 22.97 32.78
C ARG B 215 12.53 22.97 32.79
N VAL B 216 12.69 21.78 33.35
CA VAL B 216 12.72 20.54 32.57
C VAL B 216 11.30 20.18 32.17
N ILE B 217 11.09 19.92 30.87
CA ILE B 217 9.76 19.68 30.34
C ILE B 217 9.56 18.24 29.84
N GLN B 218 10.64 17.49 29.59
CA GLN B 218 10.50 16.15 29.06
C GLN B 218 11.75 15.36 29.44
N VAL B 219 11.59 14.05 29.57
CA VAL B 219 12.66 13.18 30.07
C VAL B 219 12.52 11.82 29.42
N ALA B 220 13.66 11.19 29.13
CA ALA B 220 13.69 9.86 28.53
C ALA B 220 14.78 9.03 29.19
N CYS B 221 14.47 7.75 29.45
CA CYS B 221 15.39 6.82 30.08
C CYS B 221 15.73 5.68 29.14
N GLY B 222 16.99 5.24 29.16
CA GLY B 222 17.43 4.12 28.36
C GLY B 222 17.40 2.81 29.12
N SER B 223 18.00 1.80 28.51
CA SER B 223 17.95 0.43 29.04
C SER B 223 19.35 -0.14 29.20
N ARG B 224 19.43 -1.27 29.90
CA ARG B 224 20.69 -1.98 30.09
C ARG B 224 21.66 -1.02 30.79
N ASP B 225 22.88 -0.84 30.28
CA ASP B 225 23.75 0.22 30.77
C ASP B 225 23.25 1.54 30.21
N ALA B 226 22.43 2.27 30.97
CA ALA B 226 21.51 3.24 30.37
C ALA B 226 22.03 4.67 30.40
N GLN B 227 21.65 5.43 29.37
CA GLN B 227 21.69 6.88 29.42
C GLN B 227 20.35 7.43 29.93
N THR B 228 20.35 8.72 30.28
CA THR B 228 19.16 9.49 30.57
C THR B 228 19.26 10.79 29.80
N LEU B 229 18.12 11.28 29.30
CA LEU B 229 18.05 12.53 28.57
C LEU B 229 17.01 13.44 29.23
N ALA B 230 17.20 14.75 29.06
CA ALA B 230 16.19 15.67 29.56
C ALA B 230 16.14 16.88 28.64
N LEU B 231 14.93 17.43 28.49
CA LEU B 231 14.69 18.60 27.66
C LEU B 231 14.13 19.74 28.52
N THR B 232 14.60 20.96 28.28
CA THR B 232 14.10 22.13 29.01
C THR B 232 13.25 22.99 28.09
N ASP B 233 12.54 23.95 28.68
CA ASP B 233 11.65 24.75 27.85
C ASP B 233 12.41 25.74 26.97
N GLU B 234 13.72 25.82 27.10
CA GLU B 234 14.51 26.67 26.21
C GLU B 234 15.17 25.87 25.10
N GLY B 235 14.82 24.59 24.96
CA GLY B 235 15.38 23.75 23.93
C GLY B 235 16.68 23.06 24.27
N LEU B 236 17.26 23.32 25.45
CA LEU B 236 18.49 22.64 25.81
C LEU B 236 18.23 21.16 26.09
N VAL B 237 19.07 20.29 25.53
CA VAL B 237 19.03 18.86 25.85
C VAL B 237 20.20 18.54 26.77
N PHE B 238 19.92 17.84 27.86
CA PHE B 238 20.92 17.31 28.77
C PHE B 238 20.93 15.79 28.74
N SER B 239 22.12 15.20 28.86
CA SER B 239 22.28 13.75 28.95
C SER B 239 23.20 13.39 30.12
N TRP B 240 23.13 12.13 30.52
CA TRP B 240 23.97 11.61 31.59
C TRP B 240 23.73 10.10 31.70
N GLY B 241 24.56 9.45 32.52
CA GLY B 241 24.49 8.01 32.68
C GLY B 241 25.61 7.34 31.92
N ASP B 242 25.35 6.15 31.36
CA ASP B 242 26.41 5.39 30.73
C ASP B 242 26.82 5.98 29.39
N GLY B 243 28.12 6.04 29.15
CA GLY B 243 28.66 6.65 27.97
C GLY B 243 28.98 5.73 26.79
N ASP B 244 28.80 4.42 26.92
CA ASP B 244 29.19 3.51 25.85
C ASP B 244 28.49 3.85 24.54
N PHE B 245 29.27 3.76 23.46
CA PHE B 245 28.82 3.97 22.08
C PHE B 245 28.37 5.40 21.82
N GLY B 246 28.71 6.32 22.72
CA GLY B 246 28.44 7.72 22.47
C GLY B 246 26.99 8.15 22.63
N LYS B 247 26.17 7.34 23.30
CA LYS B 247 24.76 7.68 23.44
C LYS B 247 24.51 8.92 24.28
N LEU B 248 25.51 9.41 25.02
CA LEU B 248 25.38 10.73 25.62
C LEU B 248 25.57 11.86 24.62
N GLY B 249 26.13 11.58 23.45
CA GLY B 249 26.16 12.57 22.40
C GLY B 249 27.19 13.66 22.55
N ARG B 250 28.28 13.41 23.30
CA ARG B 250 29.32 14.42 23.49
C ARG B 250 30.69 13.84 23.14
N GLY B 251 30.74 12.82 22.27
CA GLY B 251 31.98 12.24 21.82
C GLY B 251 32.41 11.06 22.68
N GLY B 252 33.32 10.24 22.13
CA GLY B 252 33.94 9.17 22.89
C GLY B 252 32.95 8.24 23.59
N SER B 253 33.34 7.75 24.78
CA SER B 253 32.51 6.79 25.50
C SER B 253 32.53 6.96 27.02
N GLU B 254 32.88 8.13 27.54
CA GLU B 254 32.90 8.36 28.98
C GLU B 254 31.49 8.57 29.50
N GLY B 255 31.13 7.84 30.55
CA GLY B 255 29.92 8.13 31.27
C GLY B 255 30.03 9.39 32.11
N CYS B 256 28.90 9.77 32.70
CA CYS B 256 28.84 10.91 33.61
C CYS B 256 27.66 10.72 34.52
N ASN B 257 27.88 10.88 35.84
CA ASN B 257 26.79 10.78 36.82
C ASN B 257 26.14 12.13 37.10
N ILE B 258 26.45 13.14 36.27
CA ILE B 258 25.96 14.51 36.39
C ILE B 258 25.39 14.94 35.03
N PRO B 259 24.24 15.59 34.98
CA PRO B 259 23.70 16.02 33.67
C PRO B 259 24.65 17.00 32.97
N GLN B 260 24.89 16.75 31.70
CA GLN B 260 25.67 17.62 30.84
C GLN B 260 24.82 18.06 29.66
N ASN B 261 25.05 19.30 29.23
CA ASN B 261 24.38 19.84 28.06
C ASN B 261 24.95 19.19 26.80
N ILE B 262 24.05 18.73 25.92
CA ILE B 262 24.45 18.21 24.61
C ILE B 262 24.56 19.43 23.68
N GLU B 263 25.79 19.94 23.54
CA GLU B 263 25.95 21.25 22.92
C GLU B 263 25.46 21.27 21.48
N ARG B 264 25.59 20.15 20.76
CA ARG B 264 25.28 20.20 19.34
C ARG B 264 23.81 20.54 19.09
N LEU B 265 22.94 20.17 20.01
CA LEU B 265 21.49 20.35 19.84
C LEU B 265 21.01 21.72 20.28
N ASN B 266 21.90 22.58 20.76
CA ASN B 266 21.49 23.89 21.22
C ASN B 266 20.96 24.73 20.06
N GLY B 267 19.85 25.43 20.30
CA GLY B 267 19.32 26.28 19.26
C GLY B 267 18.65 25.55 18.11
N GLN B 268 18.38 24.23 18.24
CA GLN B 268 17.78 23.46 17.16
C GLN B 268 16.28 23.28 17.33
N GLY B 269 15.70 23.78 18.41
CA GLY B 269 14.28 23.62 18.65
C GLY B 269 13.87 22.18 18.86
N VAL B 270 14.65 21.40 19.61
CA VAL B 270 14.23 20.04 19.95
C VAL B 270 12.94 20.09 20.78
N CYS B 271 11.95 19.30 20.37
CA CYS B 271 10.68 19.21 21.09
C CYS B 271 10.34 17.81 21.59
N GLN B 272 11.05 16.77 21.15
CA GLN B 272 10.79 15.42 21.64
C GLN B 272 12.11 14.65 21.72
N ILE B 273 12.29 13.89 22.80
CA ILE B 273 13.46 13.04 23.02
C ILE B 273 13.00 11.64 23.39
N GLU B 274 13.73 10.63 22.89
CA GLU B 274 13.45 9.22 23.15
C GLU B 274 14.77 8.50 23.38
N CYS B 275 14.69 7.34 24.05
CA CYS B 275 15.84 6.45 24.19
C CYS B 275 15.42 5.03 23.86
N GLY B 276 16.01 4.45 22.82
CA GLY B 276 15.89 3.02 22.54
C GLY B 276 16.91 2.21 23.32
N ALA B 277 17.37 1.11 22.72
CA ALA B 277 18.45 0.31 23.28
C ALA B 277 19.78 0.89 22.81
N GLN B 278 20.52 1.53 23.73
CA GLN B 278 21.86 2.09 23.52
C GLN B 278 21.90 3.21 22.48
N PHE B 279 20.79 3.89 22.21
CA PHE B 279 20.83 5.03 21.30
C PHE B 279 19.78 6.04 21.72
N SER B 280 19.92 7.25 21.18
CA SER B 280 19.04 8.36 21.51
C SER B 280 18.53 8.98 20.21
N LEU B 281 17.37 9.63 20.32
CA LEU B 281 16.72 10.27 19.18
C LEU B 281 16.13 11.60 19.61
N ALA B 282 16.30 12.62 18.77
CA ALA B 282 15.66 13.91 19.01
C ALA B 282 14.86 14.31 17.79
N LEU B 283 13.75 15.02 18.05
CA LEU B 283 12.89 15.60 17.02
C LEU B 283 12.79 17.09 17.27
N THR B 284 12.96 17.90 16.23
CA THR B 284 12.85 19.35 16.37
C THR B 284 11.48 19.84 15.88
N LYS B 285 11.14 21.08 16.26
CA LYS B 285 9.86 21.66 15.86
C LYS B 285 9.77 21.86 14.36
N SER B 286 10.90 22.02 13.67
CA SER B 286 10.92 22.18 12.23
C SER B 286 10.80 20.84 11.51
N GLY B 287 10.80 19.74 12.23
CA GLY B 287 10.62 18.43 11.64
C GLY B 287 11.88 17.65 11.36
N VAL B 288 12.99 18.02 11.98
CA VAL B 288 14.26 17.34 11.76
C VAL B 288 14.43 16.26 12.82
N VAL B 289 15.01 15.14 12.42
CA VAL B 289 15.28 14.04 13.34
C VAL B 289 16.79 13.85 13.49
N TRP B 290 17.25 13.73 14.74
CA TRP B 290 18.64 13.46 15.06
C TRP B 290 18.72 12.15 15.83
N THR B 291 19.79 11.38 15.59
CA THR B 291 20.04 10.14 16.32
C THR B 291 21.52 10.06 16.66
N TRP B 292 21.81 9.24 17.66
CA TRP B 292 23.19 8.99 18.04
C TRP B 292 23.22 7.82 19.01
N GLY B 293 24.37 7.16 19.07
CA GLY B 293 24.51 6.01 19.94
C GLY B 293 25.07 4.80 19.21
N LYS B 294 24.73 3.62 19.70
CA LYS B 294 25.23 2.39 19.12
C LYS B 294 24.64 2.21 17.72
N GLY B 295 25.48 1.80 16.76
CA GLY B 295 25.05 1.71 15.38
C GLY B 295 24.56 0.36 14.89
N ASP B 296 24.88 -0.71 15.62
CA ASP B 296 24.61 -2.06 15.13
C ASP B 296 23.13 -2.23 14.79
N TYR B 297 22.87 -3.02 13.74
CA TYR B 297 21.52 -3.31 13.26
C TYR B 297 20.82 -2.08 12.70
N PHE B 298 21.56 -1.01 12.42
CA PHE B 298 21.05 0.16 11.69
C PHE B 298 19.95 0.87 12.46
N ARG B 299 20.00 0.79 13.80
CA ARG B 299 18.99 1.45 14.62
C ARG B 299 19.08 2.97 14.52
N LEU B 300 20.18 3.52 13.99
CA LEU B 300 20.37 4.96 13.92
C LEU B 300 19.84 5.58 12.65
N GLY B 301 19.63 4.77 11.60
CA GLY B 301 19.03 5.25 10.36
C GLY B 301 19.94 6.03 9.43
N HIS B 302 21.26 5.86 9.53
CA HIS B 302 22.19 6.61 8.70
C HIS B 302 22.75 5.77 7.54
N GLY B 303 22.16 4.61 7.26
CA GLY B 303 22.53 3.82 6.11
C GLY B 303 23.70 2.88 6.32
N SER B 304 24.41 2.99 7.43
CA SER B 304 25.41 2.01 7.79
C SER B 304 25.33 1.82 9.30
N ASP B 305 26.11 0.88 9.82
CA ASP B 305 25.94 0.46 11.20
C ASP B 305 27.07 0.96 12.13
N VAL B 306 27.79 2.00 11.71
CA VAL B 306 28.81 2.59 12.58
C VAL B 306 28.13 3.38 13.70
N HIS B 307 28.77 3.42 14.86
CA HIS B 307 28.33 4.27 15.95
C HIS B 307 28.43 5.76 15.58
N VAL B 308 27.61 6.55 16.25
CA VAL B 308 27.54 8.00 16.06
C VAL B 308 27.55 8.62 17.46
N ARG B 309 28.58 9.41 17.76
CA ARG B 309 28.88 9.80 19.13
C ARG B 309 28.52 11.25 19.43
N LYS B 310 28.08 11.99 18.42
CA LYS B 310 27.41 13.27 18.60
C LYS B 310 26.20 13.28 17.68
N PRO B 311 25.12 13.95 18.08
CA PRO B 311 23.88 13.88 17.29
C PRO B 311 24.12 14.22 15.82
N GLN B 312 23.56 13.38 14.94
CA GLN B 312 23.59 13.64 13.51
C GLN B 312 22.17 13.59 12.94
N VAL B 313 21.89 14.51 12.02
CA VAL B 313 20.61 14.53 11.33
C VAL B 313 20.40 13.25 10.54
N VAL B 314 19.20 12.68 10.64
CA VAL B 314 18.83 11.54 9.80
C VAL B 314 18.52 12.07 8.41
N GLU B 315 19.54 12.03 7.54
CA GLU B 315 19.46 12.73 6.27
C GLU B 315 18.43 12.13 5.33
N GLY B 316 18.07 10.85 5.50
CA GLY B 316 17.05 10.24 4.70
C GLY B 316 15.66 10.82 4.91
N LEU B 317 15.45 11.52 6.01
CA LEU B 317 14.18 12.21 6.25
C LEU B 317 14.25 13.68 5.90
N ARG B 318 15.34 14.13 5.28
CA ARG B 318 15.47 15.55 5.01
C ARG B 318 14.43 15.98 3.98
N GLY B 319 13.83 17.15 4.22
CA GLY B 319 12.75 17.63 3.38
C GLY B 319 11.37 17.09 3.69
N LYS B 320 11.25 16.13 4.60
CA LYS B 320 9.97 15.68 5.11
C LYS B 320 9.82 16.18 6.55
N LYS B 321 8.74 16.92 6.81
CA LYS B 321 8.53 17.46 8.15
C LYS B 321 7.99 16.36 9.06
N ILE B 322 8.84 15.85 9.94
CA ILE B 322 8.44 14.80 10.86
C ILE B 322 7.66 15.43 12.02
N VAL B 323 6.43 14.96 12.23
CA VAL B 323 5.56 15.51 13.27
C VAL B 323 5.49 14.61 14.49
N HIS B 324 6.06 13.41 14.44
CA HIS B 324 6.04 12.52 15.59
C HIS B 324 7.05 11.40 15.37
N VAL B 325 7.61 10.88 16.47
CA VAL B 325 8.55 9.77 16.41
C VAL B 325 8.34 8.80 17.57
N ALA B 326 8.87 7.59 17.40
CA ALA B 326 8.87 6.57 18.44
C ALA B 326 10.03 5.60 18.19
N VAL B 327 10.56 5.01 19.28
CA VAL B 327 11.65 4.05 19.19
C VAL B 327 11.24 2.77 19.90
N GLY B 328 11.62 1.64 19.31
CA GLY B 328 11.71 0.37 20.00
C GLY B 328 13.13 0.11 20.49
N ALA B 329 13.49 -1.17 20.60
CA ALA B 329 14.83 -1.52 21.01
C ALA B 329 15.84 -1.17 19.93
N LEU B 330 15.54 -1.61 18.70
CA LEU B 330 16.45 -1.52 17.57
C LEU B 330 15.78 -0.93 16.34
N HIS B 331 14.67 -0.19 16.52
CA HIS B 331 13.97 0.38 15.37
C HIS B 331 13.31 1.69 15.74
N CYS B 332 13.05 2.50 14.70
CA CYS B 332 12.40 3.79 14.84
C CYS B 332 11.28 3.94 13.81
N LEU B 333 10.28 4.73 14.20
CA LEU B 333 9.19 5.16 13.35
C LEU B 333 9.12 6.69 13.36
N ALA B 334 8.90 7.26 12.18
CA ALA B 334 8.76 8.70 11.99
C ALA B 334 7.51 8.97 11.16
N VAL B 335 6.62 9.82 11.67
CA VAL B 335 5.40 10.25 10.98
C VAL B 335 5.67 11.57 10.28
N THR B 336 5.35 11.65 8.99
CA THR B 336 5.41 12.92 8.29
C THR B 336 4.13 13.71 8.51
N ASP B 337 4.19 15.00 8.17
CA ASP B 337 3.02 15.85 8.33
C ASP B 337 1.95 15.55 7.29
N SER B 338 2.22 14.68 6.32
CA SER B 338 1.23 14.25 5.34
C SER B 338 0.62 12.90 5.70
N GLY B 339 1.10 12.26 6.77
CA GLY B 339 0.44 11.06 7.28
C GLY B 339 1.16 9.78 7.01
N GLN B 340 2.32 9.83 6.37
CA GLN B 340 3.12 8.65 6.09
C GLN B 340 4.00 8.31 7.27
N VAL B 341 4.31 7.03 7.41
CA VAL B 341 5.25 6.54 8.41
C VAL B 341 6.49 6.04 7.69
N TYR B 342 7.66 6.42 8.20
CA TYR B 342 8.95 5.86 7.77
C TYR B 342 9.58 5.11 8.92
N ALA B 343 10.24 4.01 8.60
CA ALA B 343 10.78 3.14 9.61
C ALA B 343 12.20 2.78 9.23
N TRP B 344 13.03 2.54 10.23
CA TRP B 344 14.36 2.04 9.98
C TRP B 344 14.82 1.22 11.18
N GLY B 345 15.76 0.33 10.92
CA GLY B 345 16.36 -0.48 11.94
C GLY B 345 16.17 -1.97 11.70
N ASP B 346 16.36 -2.72 12.76
CA ASP B 346 16.32 -4.17 12.69
C ASP B 346 14.91 -4.65 12.34
N ASN B 347 14.85 -5.87 11.79
CA ASN B 347 13.58 -6.40 11.28
C ASN B 347 13.43 -7.89 11.52
N ASP B 348 14.08 -8.44 12.55
CA ASP B 348 14.03 -9.87 12.82
C ASP B 348 12.60 -10.35 13.03
N HIS B 349 11.74 -9.48 13.54
CA HIS B 349 10.35 -9.83 13.81
C HIS B 349 9.39 -9.01 12.96
N GLY B 350 9.88 -8.43 11.86
CA GLY B 350 9.03 -7.69 10.94
C GLY B 350 8.57 -6.34 11.44
N GLN B 351 9.22 -5.81 12.48
CA GLN B 351 8.79 -4.53 13.05
C GLN B 351 9.06 -3.35 12.11
N GLN B 352 9.78 -3.54 11.01
CA GLN B 352 9.93 -2.48 10.02
C GLN B 352 8.67 -2.29 9.18
N GLY B 353 7.76 -3.25 9.19
CA GLY B 353 6.59 -3.13 8.35
C GLY B 353 6.87 -3.06 6.86
N ASN B 354 7.90 -3.75 6.37
CA ASN B 354 8.16 -3.75 4.94
C ASN B 354 7.81 -5.07 4.29
N GLY B 355 7.03 -5.91 4.98
CA GLY B 355 6.62 -7.18 4.44
C GLY B 355 7.66 -8.27 4.44
N THR B 356 8.81 -8.04 5.08
CA THR B 356 9.85 -9.05 5.16
C THR B 356 10.46 -9.01 6.56
N THR B 357 11.60 -9.68 6.71
CA THR B 357 12.47 -9.50 7.87
C THR B 357 13.81 -8.88 7.50
N THR B 358 13.87 -8.19 6.35
CA THR B 358 15.11 -7.53 5.94
C THR B 358 15.21 -6.16 6.59
N VAL B 359 16.42 -5.84 7.05
CA VAL B 359 16.62 -4.59 7.78
C VAL B 359 16.41 -3.40 6.84
N ASN B 360 15.92 -2.29 7.41
CA ASN B 360 15.88 -0.99 6.74
C ASN B 360 17.11 -0.21 7.21
N ARG B 361 18.08 -0.08 6.32
CA ARG B 361 19.31 0.64 6.64
C ARG B 361 19.10 2.14 6.71
N LYS B 362 18.22 2.70 5.87
CA LYS B 362 17.84 4.11 5.92
C LYS B 362 16.33 4.19 6.08
N PRO B 363 15.78 5.34 6.47
CA PRO B 363 14.32 5.44 6.63
C PRO B 363 13.61 4.96 5.38
N THR B 364 12.59 4.09 5.58
CA THR B 364 11.87 3.44 4.50
C THR B 364 10.37 3.60 4.71
N LEU B 365 9.66 3.90 3.61
CA LEU B 365 8.21 4.07 3.71
C LEU B 365 7.55 2.76 4.16
N VAL B 366 6.79 2.84 5.24
CA VAL B 366 6.00 1.69 5.68
C VAL B 366 4.86 1.48 4.70
N GLN B 367 4.64 0.22 4.31
CA GLN B 367 3.70 -0.14 3.28
C GLN B 367 2.31 -0.41 3.88
N GLY B 368 1.31 -0.39 3.01
CA GLY B 368 -0.02 -0.80 3.39
C GLY B 368 -0.81 0.21 4.17
N LEU B 369 -0.38 1.48 4.18
CA LEU B 369 -1.05 2.51 4.94
C LEU B 369 -1.63 3.64 4.09
N GLU B 370 -1.53 3.56 2.76
CA GLU B 370 -2.19 4.57 1.92
C GLU B 370 -3.66 4.66 2.34
N GLY B 371 -4.15 5.88 2.42
CA GLY B 371 -5.50 6.13 2.89
C GLY B 371 -5.64 6.35 4.38
N GLN B 372 -4.57 6.14 5.16
CA GLN B 372 -4.60 6.41 6.59
C GLN B 372 -3.66 7.57 6.87
N LYS B 373 -4.19 8.66 7.39
CA LYS B 373 -3.38 9.84 7.72
C LYS B 373 -2.88 9.65 9.15
N ILE B 374 -1.73 8.98 9.27
CA ILE B 374 -1.16 8.70 10.58
C ILE B 374 -0.66 10.00 11.23
N THR B 375 -0.95 10.16 12.52
CA THR B 375 -0.42 11.28 13.29
C THR B 375 0.38 10.85 14.52
N ARG B 376 0.43 9.56 14.85
CA ARG B 376 1.11 9.10 16.05
C ARG B 376 1.62 7.68 15.82
N VAL B 377 2.78 7.38 16.39
CA VAL B 377 3.34 6.04 16.37
C VAL B 377 3.81 5.70 17.77
N ALA B 378 3.97 4.40 18.04
CA ALA B 378 4.61 3.93 19.27
C ALA B 378 5.28 2.61 18.96
N CYS B 379 6.24 2.24 19.79
CA CYS B 379 6.98 1.00 19.65
C CYS B 379 7.10 0.28 20.98
N GLY B 380 7.16 -1.05 20.91
CA GLY B 380 7.70 -1.86 21.98
C GLY B 380 9.07 -2.43 21.62
N SER B 381 9.47 -3.47 22.37
CA SER B 381 10.78 -4.05 22.15
C SER B 381 11.03 -4.37 20.68
N SER B 382 10.10 -5.10 20.05
CA SER B 382 10.19 -5.33 18.61
C SER B 382 8.79 -5.42 17.99
N HIS B 383 7.96 -4.42 18.25
CA HIS B 383 6.69 -4.29 17.57
C HIS B 383 6.41 -2.80 17.41
N SER B 384 5.36 -2.50 16.64
CA SER B 384 5.11 -1.17 16.13
C SER B 384 3.62 -0.87 16.13
N VAL B 385 3.29 0.43 16.26
CA VAL B 385 1.91 0.87 16.30
C VAL B 385 1.81 2.19 15.55
N ALA B 386 0.76 2.35 14.76
CA ALA B 386 0.47 3.64 14.13
C ALA B 386 -1.02 3.89 14.21
N TRP B 387 -1.42 5.14 14.41
CA TRP B 387 -2.84 5.40 14.49
C TRP B 387 -3.15 6.82 14.04
N THR B 388 -4.43 7.02 13.68
CA THR B 388 -5.02 8.28 13.25
C THR B 388 -5.94 8.83 14.34
N THR B 389 -6.52 10.00 14.09
CA THR B 389 -7.40 10.63 15.07
C THR B 389 -8.36 11.60 14.40
N ARG C 21 -6.83 -28.80 -28.13
CA ARG C 21 -6.69 -29.42 -26.81
C ARG C 21 -5.91 -28.55 -25.82
N THR C 22 -5.08 -27.62 -26.32
CA THR C 22 -4.36 -26.69 -25.45
C THR C 22 -4.79 -25.27 -25.74
N LYS C 23 -5.25 -24.56 -24.70
CA LYS C 23 -5.58 -23.15 -24.79
C LYS C 23 -4.41 -22.32 -24.26
N VAL C 24 -4.01 -21.31 -25.04
CA VAL C 24 -2.88 -20.43 -24.75
C VAL C 24 -3.40 -19.01 -24.67
N PHE C 25 -3.16 -18.34 -23.54
CA PHE C 25 -3.45 -16.92 -23.38
C PHE C 25 -2.14 -16.17 -23.21
N VAL C 26 -2.07 -14.96 -23.79
CA VAL C 26 -0.87 -14.14 -23.76
C VAL C 26 -1.24 -12.69 -23.45
N TRP C 27 -0.29 -11.96 -22.88
CA TRP C 27 -0.52 -10.55 -22.55
C TRP C 27 0.82 -9.87 -22.27
N GLY C 28 0.80 -8.55 -22.26
CA GLY C 28 1.99 -7.76 -21.98
C GLY C 28 2.52 -7.03 -23.21
N LEU C 29 3.84 -6.85 -23.26
CA LEU C 29 4.44 -6.10 -24.36
C LEU C 29 4.35 -6.86 -25.67
N ASN C 30 4.09 -6.12 -26.74
CA ASN C 30 3.81 -6.68 -28.06
C ASN C 30 4.42 -5.83 -29.17
N ASP C 31 5.41 -4.99 -28.86
CA ASP C 31 5.91 -4.02 -29.82
C ASP C 31 6.68 -4.69 -30.96
N LYS C 32 7.29 -5.86 -30.70
CA LYS C 32 7.92 -6.63 -31.76
C LYS C 32 7.07 -7.82 -32.18
N ASP C 33 5.78 -7.82 -31.83
CA ASP C 33 4.86 -8.89 -32.15
C ASP C 33 5.23 -10.17 -31.44
N GLN C 34 5.75 -10.05 -30.21
CA GLN C 34 6.14 -11.24 -29.48
C GLN C 34 4.96 -11.98 -28.90
N LEU C 35 3.75 -11.41 -28.92
CA LEU C 35 2.60 -12.20 -28.52
C LEU C 35 2.01 -13.03 -29.66
N GLY C 36 2.56 -12.95 -30.87
CA GLY C 36 2.28 -13.92 -31.91
C GLY C 36 1.13 -13.64 -32.85
N GLY C 37 0.62 -12.41 -32.90
CA GLY C 37 -0.45 -12.09 -33.82
C GLY C 37 -1.63 -11.41 -33.17
N LEU C 38 -1.34 -10.41 -32.34
CA LEU C 38 -2.35 -9.59 -31.68
C LEU C 38 -2.05 -8.14 -32.01
N LYS C 39 -3.09 -7.37 -32.31
CA LYS C 39 -2.89 -5.95 -32.58
C LYS C 39 -2.84 -5.17 -31.27
N GLY C 40 -2.07 -4.09 -31.27
CA GLY C 40 -1.79 -3.32 -30.08
C GLY C 40 -0.38 -3.58 -29.60
N SER C 41 0.25 -2.53 -29.07
CA SER C 41 1.62 -2.66 -28.57
C SER C 41 1.70 -3.18 -27.15
N LYS C 42 0.69 -2.93 -26.31
CA LYS C 42 0.58 -3.51 -24.98
C LYS C 42 -0.77 -4.20 -24.87
N ILE C 43 -0.77 -5.45 -24.39
CA ILE C 43 -2.00 -6.19 -24.16
C ILE C 43 -2.17 -6.32 -22.65
N LYS C 44 -3.19 -5.66 -22.11
CA LYS C 44 -3.30 -5.45 -20.67
C LYS C 44 -4.10 -6.52 -19.95
N VAL C 45 -4.79 -7.40 -20.68
CA VAL C 45 -5.48 -8.54 -20.05
C VAL C 45 -5.10 -9.81 -20.79
N PRO C 46 -5.13 -10.97 -20.12
CA PRO C 46 -4.89 -12.23 -20.84
C PRO C 46 -5.80 -12.35 -22.06
N SER C 47 -5.18 -12.65 -23.19
CA SER C 47 -5.89 -12.74 -24.46
C SER C 47 -5.60 -14.09 -25.09
N PHE C 48 -6.67 -14.80 -25.45
CA PHE C 48 -6.57 -16.05 -26.17
C PHE C 48 -5.73 -15.88 -27.44
N SER C 49 -4.72 -16.72 -27.61
CA SER C 49 -3.86 -16.69 -28.79
C SER C 49 -4.38 -17.73 -29.77
N GLU C 50 -4.93 -17.26 -30.88
CA GLU C 50 -5.36 -18.18 -31.93
C GLU C 50 -4.18 -18.98 -32.47
N THR C 51 -3.04 -18.30 -32.70
CA THR C 51 -1.93 -18.98 -33.36
C THR C 51 -1.28 -20.01 -32.43
N LEU C 52 -1.05 -19.65 -31.16
CA LEU C 52 -0.41 -20.61 -30.24
C LEU C 52 -1.36 -21.75 -29.87
N SER C 53 -2.65 -21.45 -29.68
CA SER C 53 -3.56 -22.51 -29.28
C SER C 53 -3.72 -23.56 -30.38
N ALA C 54 -3.52 -23.18 -31.64
CA ALA C 54 -3.59 -24.15 -32.72
C ALA C 54 -2.43 -25.13 -32.68
N LEU C 55 -1.31 -24.78 -32.05
CA LEU C 55 -0.10 -25.59 -32.15
C LEU C 55 -0.12 -26.82 -31.25
N ASN C 56 -1.03 -26.90 -30.27
CA ASN C 56 -1.03 -28.03 -29.33
C ASN C 56 0.27 -28.06 -28.53
N VAL C 57 0.52 -26.96 -27.80
CA VAL C 57 1.80 -26.73 -27.14
C VAL C 57 1.93 -27.61 -25.90
N VAL C 58 3.17 -28.05 -25.65
CA VAL C 58 3.56 -28.62 -24.37
C VAL C 58 4.43 -27.67 -23.55
N GLN C 59 4.94 -26.60 -24.15
CA GLN C 59 5.76 -25.63 -23.44
C GLN C 59 5.77 -24.33 -24.23
N VAL C 60 5.57 -23.23 -23.53
CA VAL C 60 5.83 -21.90 -24.06
C VAL C 60 6.97 -21.30 -23.26
N ALA C 61 7.89 -20.64 -23.95
CA ALA C 61 9.08 -20.08 -23.31
C ALA C 61 9.29 -18.65 -23.81
N GLY C 62 9.56 -17.74 -22.86
CA GLY C 62 9.74 -16.35 -23.20
C GLY C 62 11.18 -15.89 -23.11
N GLY C 63 11.67 -15.25 -24.16
CA GLY C 63 12.96 -14.59 -24.16
C GLY C 63 12.81 -13.07 -24.19
N SER C 64 13.88 -12.40 -24.60
CA SER C 64 13.83 -10.95 -24.73
C SER C 64 12.99 -10.58 -25.94
N LYS C 65 11.78 -10.08 -25.70
CA LYS C 65 10.80 -9.74 -26.74
C LYS C 65 10.63 -10.88 -27.73
N SER C 66 10.59 -12.11 -27.21
CA SER C 66 10.48 -13.30 -28.05
C SER C 66 9.64 -14.37 -27.36
N LEU C 67 9.00 -15.21 -28.18
CA LEU C 67 8.27 -16.38 -27.72
C LEU C 67 8.72 -17.63 -28.48
N PHE C 68 8.76 -18.75 -27.77
CA PHE C 68 9.04 -20.07 -28.33
C PHE C 68 7.98 -21.05 -27.81
N ALA C 69 7.51 -21.93 -28.70
CA ALA C 69 6.52 -22.93 -28.35
C ALA C 69 6.98 -24.31 -28.80
N VAL C 70 6.86 -25.30 -27.93
CA VAL C 70 7.20 -26.68 -28.25
C VAL C 70 5.90 -27.46 -28.40
N THR C 71 5.68 -28.07 -29.55
CA THR C 71 4.43 -28.77 -29.75
C THR C 71 4.52 -30.17 -29.17
N VAL C 72 3.36 -30.83 -29.06
CA VAL C 72 3.34 -32.20 -28.58
C VAL C 72 4.06 -33.14 -29.54
N GLU C 73 4.28 -32.72 -30.79
CA GLU C 73 5.00 -33.51 -31.77
C GLU C 73 6.51 -33.26 -31.76
N GLY C 74 6.99 -32.39 -30.87
CA GLY C 74 8.39 -32.04 -30.84
C GLY C 74 8.83 -31.01 -31.86
N LYS C 75 7.90 -30.30 -32.48
CA LYS C 75 8.22 -29.16 -33.31
C LYS C 75 8.39 -27.93 -32.44
N VAL C 76 9.17 -26.96 -32.93
CA VAL C 76 9.43 -25.72 -32.21
C VAL C 76 9.02 -24.55 -33.11
N TYR C 77 8.26 -23.61 -32.54
CA TYR C 77 7.89 -22.39 -33.24
C TYR C 77 8.42 -21.19 -32.48
N ALA C 78 8.67 -20.10 -33.20
CA ALA C 78 9.20 -18.89 -32.60
C ALA C 78 8.55 -17.67 -33.24
N CYS C 79 8.53 -16.58 -32.48
CA CYS C 79 8.08 -15.29 -32.99
C CYS C 79 8.56 -14.18 -32.05
N GLY C 80 8.61 -12.97 -32.59
CA GLY C 80 9.07 -11.81 -31.87
C GLY C 80 10.26 -11.14 -32.58
N GLU C 81 11.14 -10.55 -31.79
CA GLU C 81 12.27 -9.84 -32.38
C GLU C 81 13.30 -10.84 -32.91
N ALA C 82 13.75 -10.62 -34.15
CA ALA C 82 14.68 -11.54 -34.80
C ALA C 82 16.14 -11.17 -34.58
N THR C 83 16.41 -9.99 -34.03
CA THR C 83 17.77 -9.51 -33.88
C THR C 83 18.66 -10.53 -33.16
N ASN C 84 19.94 -10.55 -33.56
CA ASN C 84 20.97 -11.41 -33.01
C ASN C 84 20.76 -12.88 -33.36
N GLY C 85 19.78 -13.20 -34.21
CA GLY C 85 19.47 -14.58 -34.51
C GLY C 85 18.76 -15.30 -33.39
N ARG C 86 18.16 -14.56 -32.46
CA ARG C 86 17.64 -15.17 -31.24
C ARG C 86 16.48 -16.13 -31.51
N LEU C 87 15.80 -16.01 -32.65
CA LEU C 87 14.68 -16.89 -32.92
C LEU C 87 15.09 -18.20 -33.61
N GLY C 88 16.35 -18.31 -34.03
CA GLY C 88 16.80 -19.52 -34.69
C GLY C 88 16.19 -19.77 -36.06
N LEU C 89 15.74 -18.72 -36.76
CA LEU C 89 15.02 -18.87 -38.01
C LEU C 89 15.88 -18.50 -39.22
N GLY C 90 17.20 -18.57 -39.08
CA GLY C 90 18.07 -18.19 -40.19
C GLY C 90 18.07 -16.71 -40.53
N ILE C 91 17.51 -15.86 -39.67
CA ILE C 91 17.51 -14.41 -39.87
C ILE C 91 18.12 -13.74 -38.65
N SER C 92 18.51 -12.47 -38.82
CA SER C 92 19.18 -11.71 -37.77
C SER C 92 18.63 -10.30 -37.62
N SER C 93 17.56 -9.95 -38.31
CA SER C 93 16.97 -8.62 -38.20
C SER C 93 15.48 -8.70 -38.51
N GLY C 94 14.75 -7.63 -38.16
CA GLY C 94 13.31 -7.61 -38.33
C GLY C 94 12.59 -8.27 -37.18
N THR C 95 11.31 -8.60 -37.43
CA THR C 95 10.49 -9.33 -36.49
C THR C 95 9.79 -10.47 -37.21
N VAL C 96 9.27 -11.41 -36.44
CA VAL C 96 8.47 -12.51 -36.94
C VAL C 96 7.09 -12.41 -36.30
N PRO C 97 6.11 -11.84 -37.00
CA PRO C 97 4.82 -11.51 -36.36
C PRO C 97 3.96 -12.71 -36.03
N ILE C 98 4.02 -13.76 -36.85
CA ILE C 98 3.24 -14.98 -36.63
C ILE C 98 4.18 -16.10 -36.24
N PRO C 99 3.81 -16.98 -35.32
CA PRO C 99 4.74 -18.06 -34.91
C PRO C 99 5.10 -18.94 -36.11
N ARG C 100 6.41 -19.07 -36.34
CA ARG C 100 6.98 -19.75 -37.49
C ARG C 100 7.83 -20.91 -37.00
N GLN C 101 7.86 -21.99 -37.79
CA GLN C 101 8.54 -23.20 -37.35
C GLN C 101 10.04 -23.10 -37.55
N ILE C 102 10.79 -23.57 -36.55
CA ILE C 102 12.23 -23.65 -36.65
C ILE C 102 12.57 -24.91 -37.43
N THR C 103 12.53 -24.81 -38.76
CA THR C 103 12.70 -25.99 -39.60
C THR C 103 14.05 -26.67 -39.37
N ALA C 104 15.06 -25.92 -38.93
CA ALA C 104 16.36 -26.52 -38.65
C ALA C 104 16.24 -27.70 -37.68
N LEU C 105 15.27 -27.65 -36.76
CA LEU C 105 15.07 -28.71 -35.78
C LEU C 105 14.01 -29.73 -36.20
N SER C 106 13.61 -29.73 -37.47
CA SER C 106 12.42 -30.49 -37.86
C SER C 106 12.66 -31.99 -37.87
N SER C 107 13.90 -32.43 -38.05
CA SER C 107 14.19 -33.85 -38.00
C SER C 107 14.13 -34.42 -36.57
N TYR C 108 13.92 -33.59 -35.55
CA TYR C 108 14.10 -33.99 -34.17
C TYR C 108 12.84 -33.74 -33.35
N VAL C 109 12.71 -34.52 -32.27
CA VAL C 109 11.60 -34.40 -31.33
C VAL C 109 12.12 -33.61 -30.14
N VAL C 110 11.78 -32.32 -30.09
CA VAL C 110 12.25 -31.41 -29.06
C VAL C 110 11.29 -31.47 -27.87
N LYS C 111 11.83 -31.68 -26.68
CA LYS C 111 11.02 -31.74 -25.48
C LYS C 111 11.03 -30.44 -24.70
N LYS C 112 12.01 -29.56 -24.92
CA LYS C 112 12.09 -28.35 -24.12
C LYS C 112 12.97 -27.31 -24.81
N VAL C 113 12.57 -26.05 -24.67
CA VAL C 113 13.35 -24.90 -25.09
C VAL C 113 13.73 -24.10 -23.86
N ALA C 114 15.01 -23.76 -23.72
CA ALA C 114 15.51 -22.98 -22.60
C ALA C 114 15.98 -21.61 -23.07
N VAL C 115 15.48 -20.57 -22.41
CA VAL C 115 15.86 -19.20 -22.72
C VAL C 115 15.57 -18.35 -21.50
N HIS C 116 16.38 -17.33 -21.32
CA HIS C 116 16.20 -16.40 -20.21
C HIS C 116 15.27 -15.27 -20.65
N SER C 117 14.49 -14.74 -19.70
CA SER C 117 13.54 -13.68 -20.02
C SER C 117 14.23 -12.49 -20.69
N GLY C 118 15.49 -12.26 -20.37
CA GLY C 118 16.24 -11.15 -20.94
C GLY C 118 17.29 -11.67 -21.90
N GLY C 119 16.99 -12.80 -22.52
CA GLY C 119 17.98 -13.54 -23.28
C GLY C 119 17.83 -13.37 -24.77
N ARG C 120 18.98 -13.44 -25.45
CA ARG C 120 19.07 -13.38 -26.90
C ARG C 120 19.69 -14.65 -27.48
N HIS C 121 19.82 -15.71 -26.68
CA HIS C 121 20.17 -17.03 -27.19
C HIS C 121 19.30 -18.05 -26.47
N ALA C 122 19.26 -19.26 -27.02
CA ALA C 122 18.39 -20.29 -26.46
C ALA C 122 18.98 -21.66 -26.79
N THR C 123 18.49 -22.68 -26.08
CA THR C 123 18.82 -24.06 -26.35
C THR C 123 17.56 -24.91 -26.44
N ALA C 124 17.66 -26.01 -27.19
CA ALA C 124 16.61 -26.99 -27.33
C ALA C 124 17.14 -28.34 -26.89
N LEU C 125 16.27 -29.12 -26.25
CA LEU C 125 16.60 -30.45 -25.75
C LEU C 125 15.68 -31.45 -26.42
N THR C 126 16.26 -32.45 -27.08
CA THR C 126 15.48 -33.51 -27.70
C THR C 126 15.15 -34.61 -26.69
N VAL C 127 14.18 -35.45 -27.03
CA VAL C 127 13.79 -36.52 -26.12
C VAL C 127 14.91 -37.54 -25.95
N ASP C 128 15.73 -37.76 -26.98
CA ASP C 128 16.90 -38.64 -26.84
C ASP C 128 18.07 -37.97 -26.12
N GLY C 129 17.94 -36.70 -25.74
CA GLY C 129 18.93 -36.04 -24.91
C GLY C 129 19.98 -35.21 -25.65
N LYS C 130 19.74 -34.86 -26.90
CA LYS C 130 20.65 -34.01 -27.66
C LYS C 130 20.31 -32.55 -27.42
N VAL C 131 21.31 -31.68 -27.53
CA VAL C 131 21.17 -30.27 -27.18
C VAL C 131 21.57 -29.42 -28.37
N PHE C 132 20.67 -28.53 -28.79
CA PHE C 132 20.96 -27.54 -29.82
C PHE C 132 20.94 -26.15 -29.22
N SER C 133 21.75 -25.26 -29.80
CA SER C 133 21.83 -23.87 -29.37
C SER C 133 21.78 -22.97 -30.60
N TRP C 134 21.37 -21.72 -30.37
CA TRP C 134 21.31 -20.73 -31.43
C TRP C 134 21.17 -19.34 -30.83
N GLY C 135 21.55 -18.33 -31.62
CA GLY C 135 21.39 -16.94 -31.27
C GLY C 135 22.70 -16.21 -31.05
N GLU C 136 22.68 -15.25 -30.13
CA GLU C 136 23.88 -14.46 -29.85
C GLU C 136 24.97 -15.35 -29.25
N GLY C 137 26.18 -15.24 -29.77
CA GLY C 137 27.26 -16.13 -29.42
C GLY C 137 28.32 -15.56 -28.51
N ASP C 138 28.14 -14.33 -28.04
CA ASP C 138 29.16 -13.67 -27.23
C ASP C 138 29.50 -14.49 -26.00
N ASP C 139 30.77 -14.45 -25.61
CA ASP C 139 31.26 -15.12 -24.41
C ASP C 139 31.06 -16.63 -24.47
N GLY C 140 30.82 -17.18 -25.66
CA GLY C 140 30.75 -18.61 -25.86
C GLY C 140 29.51 -19.28 -25.32
N LYS C 141 28.45 -18.53 -25.02
CA LYS C 141 27.26 -19.13 -24.40
C LYS C 141 26.56 -20.13 -25.29
N LEU C 142 26.91 -20.24 -26.57
CA LEU C 142 26.32 -21.26 -27.43
C LEU C 142 27.06 -22.60 -27.32
N GLY C 143 28.28 -22.60 -26.78
CA GLY C 143 28.96 -23.84 -26.45
C GLY C 143 29.70 -24.50 -27.57
N HIS C 144 29.83 -23.84 -28.73
CA HIS C 144 30.55 -24.37 -29.87
C HIS C 144 32.01 -23.93 -29.90
N PHE C 145 32.63 -23.68 -28.74
CA PHE C 145 34.04 -23.34 -28.69
C PHE C 145 34.35 -22.10 -29.54
N SER C 146 33.40 -21.17 -29.62
CA SER C 146 33.67 -19.90 -30.30
C SER C 146 32.71 -18.85 -29.75
N ARG C 147 32.89 -17.62 -30.20
CA ARG C 147 32.03 -16.50 -29.82
C ARG C 147 31.13 -16.05 -30.95
N MET C 148 30.97 -16.88 -31.99
CA MET C 148 30.20 -16.48 -33.15
C MET C 148 28.71 -16.67 -32.90
N ASN C 149 27.91 -15.82 -33.55
CA ASN C 149 26.47 -16.00 -33.57
C ASN C 149 26.09 -17.19 -34.44
N CYS C 150 24.99 -17.84 -34.08
CA CYS C 150 24.41 -18.92 -34.87
C CYS C 150 22.95 -18.55 -35.10
N ASP C 151 22.60 -18.25 -36.35
CA ASP C 151 21.24 -17.80 -36.62
C ASP C 151 20.26 -18.95 -36.84
N LYS C 152 20.75 -20.19 -36.94
CA LYS C 152 19.97 -21.42 -36.95
C LYS C 152 20.51 -22.36 -35.88
N PRO C 153 19.70 -23.28 -35.38
CA PRO C 153 20.15 -24.15 -34.28
C PRO C 153 21.28 -25.09 -34.70
N ARG C 154 22.21 -25.31 -33.79
CA ARG C 154 23.42 -26.07 -34.08
C ARG C 154 23.71 -26.99 -32.91
N LEU C 155 23.76 -28.29 -33.18
CA LEU C 155 24.01 -29.27 -32.13
C LEU C 155 25.32 -28.98 -31.41
N ILE C 156 25.27 -28.93 -30.07
CA ILE C 156 26.43 -28.72 -29.23
C ILE C 156 27.28 -29.98 -29.19
N GLU C 157 28.38 -30.00 -29.95
CA GLU C 157 29.12 -31.23 -30.15
C GLU C 157 29.60 -31.83 -28.83
N ALA C 158 30.00 -30.98 -27.88
CA ALA C 158 30.62 -31.48 -26.66
C ALA C 158 29.70 -32.44 -25.91
N LEU C 159 28.39 -32.21 -25.96
CA LEU C 159 27.44 -32.98 -25.17
C LEU C 159 26.86 -34.18 -25.92
N LYS C 160 27.42 -34.53 -27.08
CA LYS C 160 26.82 -35.61 -27.87
C LYS C 160 26.87 -36.96 -27.14
N THR C 161 27.89 -37.21 -26.32
CA THR C 161 27.96 -38.50 -25.63
C THR C 161 27.10 -38.55 -24.37
N LYS C 162 26.54 -37.42 -23.93
CA LYS C 162 25.76 -37.31 -22.71
C LYS C 162 24.27 -37.43 -23.01
N ARG C 163 23.55 -38.13 -22.13
CA ARG C 163 22.09 -38.09 -22.15
C ARG C 163 21.70 -36.89 -21.28
N ILE C 164 21.31 -35.79 -21.91
CA ILE C 164 20.96 -34.56 -21.20
C ILE C 164 19.51 -34.66 -20.75
N ARG C 165 19.27 -34.31 -19.48
CA ARG C 165 17.95 -34.37 -18.85
C ARG C 165 17.24 -33.02 -18.83
N ASP C 166 17.97 -31.93 -18.59
CA ASP C 166 17.36 -30.61 -18.54
C ASP C 166 18.36 -29.58 -19.03
N ILE C 167 17.85 -28.38 -19.36
CA ILE C 167 18.66 -27.27 -19.80
C ILE C 167 18.15 -25.97 -19.19
N ALA C 168 18.98 -24.93 -19.29
CA ALA C 168 18.63 -23.59 -18.85
C ALA C 168 19.65 -22.61 -19.43
N CYS C 169 19.20 -21.39 -19.64
CA CYS C 169 19.97 -20.31 -20.24
C CYS C 169 19.82 -19.05 -19.41
N GLY C 170 20.92 -18.35 -19.21
CA GLY C 170 20.90 -16.98 -18.75
C GLY C 170 21.06 -16.03 -19.92
N SER C 171 21.35 -14.77 -19.61
CA SER C 171 21.67 -13.82 -20.67
C SER C 171 23.08 -14.02 -21.23
N SER C 172 24.00 -14.60 -20.44
CA SER C 172 25.39 -14.69 -20.85
C SER C 172 26.02 -16.06 -20.62
N HIS C 173 25.28 -17.00 -20.06
CA HIS C 173 25.81 -18.34 -19.86
C HIS C 173 24.65 -19.31 -19.98
N SER C 174 24.98 -20.61 -19.96
CA SER C 174 24.02 -21.68 -20.20
C SER C 174 24.39 -22.86 -19.33
N ALA C 175 23.43 -23.78 -19.18
CA ALA C 175 23.67 -24.97 -18.37
C ALA C 175 22.90 -26.15 -18.95
N ALA C 176 23.37 -27.35 -18.62
CA ALA C 176 22.71 -28.59 -18.98
C ALA C 176 23.05 -29.63 -17.92
N LEU C 177 22.11 -30.52 -17.62
CA LEU C 177 22.38 -31.57 -16.65
C LEU C 177 22.06 -32.94 -17.24
N THR C 178 22.92 -33.92 -16.92
CA THR C 178 22.80 -35.28 -17.37
C THR C 178 21.79 -36.05 -16.51
N SER C 179 21.39 -37.23 -17.01
CA SER C 179 20.48 -38.07 -16.25
C SER C 179 21.11 -38.59 -14.97
N SER C 180 22.44 -38.68 -14.94
CA SER C 180 23.18 -39.10 -13.76
C SER C 180 23.40 -37.98 -12.75
N GLY C 181 22.91 -36.77 -13.03
CA GLY C 181 22.98 -35.69 -12.07
C GLY C 181 24.13 -34.74 -12.21
N GLU C 182 24.97 -34.90 -13.22
CA GLU C 182 26.09 -33.99 -13.43
C GLU C 182 25.60 -32.68 -14.01
N LEU C 183 26.28 -31.58 -13.66
CA LEU C 183 25.94 -30.25 -14.15
C LEU C 183 27.06 -29.69 -15.00
N TYR C 184 26.69 -29.07 -16.13
CA TYR C 184 27.59 -28.33 -17.01
C TYR C 184 27.15 -26.87 -17.12
N THR C 185 28.13 -25.98 -17.22
CA THR C 185 27.88 -24.57 -17.49
C THR C 185 28.92 -24.08 -18.47
N TRP C 186 28.56 -23.05 -19.22
CA TRP C 186 29.51 -22.48 -20.16
C TRP C 186 29.07 -21.05 -20.48
N GLY C 187 30.03 -20.28 -21.00
CA GLY C 187 29.72 -18.91 -21.35
C GLY C 187 30.52 -17.91 -20.54
N LEU C 188 29.90 -16.77 -20.22
CA LEU C 188 30.60 -15.72 -19.51
C LEU C 188 31.05 -16.21 -18.13
N GLY C 189 32.33 -16.01 -17.83
CA GLY C 189 32.87 -16.47 -16.57
C GLY C 189 32.79 -15.42 -15.49
N GLU C 190 32.62 -14.17 -15.90
CA GLU C 190 32.61 -13.02 -15.03
C GLU C 190 31.73 -13.20 -13.80
N TYR C 191 32.28 -12.87 -12.63
CA TYR C 191 31.58 -12.85 -11.36
C TYR C 191 31.19 -14.25 -10.87
N GLY C 192 31.77 -15.30 -11.47
CA GLY C 192 31.69 -16.64 -10.94
C GLY C 192 30.47 -17.43 -11.31
N ARG C 193 29.68 -16.95 -12.28
CA ARG C 193 28.39 -17.55 -12.58
C ARG C 193 28.51 -18.98 -13.08
N LEU C 194 29.67 -19.39 -13.60
CA LEU C 194 29.86 -20.76 -14.08
C LEU C 194 30.11 -21.73 -12.95
N GLY C 195 30.54 -21.25 -11.80
CA GLY C 195 30.74 -22.11 -10.65
C GLY C 195 31.93 -23.03 -10.70
N HIS C 196 32.98 -22.69 -11.44
CA HIS C 196 34.18 -23.52 -11.54
C HIS C 196 35.33 -23.00 -10.69
N GLY C 197 35.03 -22.21 -9.66
CA GLY C 197 36.07 -21.73 -8.76
C GLY C 197 37.01 -20.70 -9.34
N ASP C 198 36.65 -20.11 -10.48
CA ASP C 198 37.40 -19.00 -11.06
C ASP C 198 36.41 -18.14 -11.82
N ASN C 199 36.92 -17.08 -12.45
CA ASN C 199 36.11 -16.17 -13.22
C ASN C 199 36.30 -16.34 -14.72
N THR C 200 36.77 -17.51 -15.15
CA THR C 200 37.19 -17.74 -16.53
C THR C 200 36.02 -18.13 -17.43
N THR C 201 35.97 -17.51 -18.60
CA THR C 201 34.96 -17.83 -19.60
C THR C 201 35.20 -19.23 -20.18
N GLN C 202 34.11 -20.01 -20.32
CA GLN C 202 34.16 -21.36 -20.88
C GLN C 202 33.40 -21.36 -22.21
N LEU C 203 34.13 -21.56 -23.32
CA LEU C 203 33.53 -21.58 -24.64
C LEU C 203 32.84 -22.90 -24.98
N LYS C 204 33.21 -23.99 -24.30
CA LYS C 204 32.56 -25.29 -24.38
C LYS C 204 31.98 -25.62 -23.02
N PRO C 205 30.95 -26.47 -22.97
CA PRO C 205 30.42 -26.89 -21.67
C PRO C 205 31.51 -27.49 -20.79
N LYS C 206 31.48 -27.12 -19.51
CA LYS C 206 32.41 -27.61 -18.50
C LYS C 206 31.64 -28.07 -17.27
N MET C 207 32.04 -29.20 -16.72
CA MET C 207 31.30 -29.85 -15.64
C MET C 207 31.63 -29.22 -14.30
N VAL C 208 30.61 -28.95 -13.48
CA VAL C 208 30.82 -28.33 -12.17
C VAL C 208 31.26 -29.42 -11.18
N LYS C 209 32.54 -29.43 -10.82
CA LYS C 209 33.06 -30.49 -9.95
C LYS C 209 32.48 -30.40 -8.54
N VAL C 210 32.28 -29.19 -8.02
CA VAL C 210 31.84 -29.06 -6.63
C VAL C 210 30.55 -29.84 -6.38
N LEU C 211 29.69 -29.95 -7.38
CA LEU C 211 28.40 -30.61 -7.20
C LEU C 211 28.44 -32.11 -7.47
N LEU C 212 29.57 -32.65 -7.92
CA LEU C 212 29.68 -34.10 -8.03
C LEU C 212 29.46 -34.74 -6.67
N GLY C 213 28.74 -35.86 -6.65
CA GLY C 213 28.25 -36.47 -5.44
C GLY C 213 26.82 -36.07 -5.10
N HIS C 214 26.36 -34.92 -5.57
CA HIS C 214 24.95 -34.59 -5.52
C HIS C 214 24.33 -34.87 -6.87
N ARG C 215 23.09 -35.36 -6.87
CA ARG C 215 22.37 -35.54 -8.11
C ARG C 215 21.63 -34.23 -8.41
N VAL C 216 22.15 -33.46 -9.35
CA VAL C 216 21.50 -32.23 -9.77
C VAL C 216 20.37 -32.58 -10.74
N ILE C 217 19.19 -32.04 -10.48
CA ILE C 217 18.01 -32.35 -11.27
C ILE C 217 17.35 -31.11 -11.87
N GLN C 218 17.82 -29.91 -11.53
CA GLN C 218 17.29 -28.71 -12.15
C GLN C 218 18.28 -27.57 -11.95
N VAL C 219 18.31 -26.64 -12.91
CA VAL C 219 19.25 -25.53 -12.88
C VAL C 219 18.55 -24.29 -13.41
N ALA C 220 18.97 -23.12 -12.91
CA ALA C 220 18.43 -21.83 -13.34
C ALA C 220 19.60 -20.85 -13.48
N CYS C 221 19.48 -19.92 -14.43
CA CYS C 221 20.54 -19.00 -14.78
C CYS C 221 20.02 -17.57 -14.79
N GLY C 222 20.79 -16.64 -14.22
CA GLY C 222 20.39 -15.25 -14.16
C GLY C 222 20.90 -14.46 -15.35
N SER C 223 20.80 -13.13 -15.23
CA SER C 223 21.15 -12.22 -16.32
C SER C 223 22.01 -11.08 -15.80
N ARG C 224 22.59 -10.32 -16.73
CA ARG C 224 23.49 -9.20 -16.39
C ARG C 224 24.59 -9.75 -15.49
N ASP C 225 24.91 -9.09 -14.36
CA ASP C 225 25.76 -9.70 -13.34
C ASP C 225 24.98 -10.81 -12.66
N ALA C 226 25.17 -12.05 -13.13
CA ALA C 226 24.20 -13.11 -12.96
C ALA C 226 24.58 -14.08 -11.86
N GLN C 227 23.56 -14.60 -11.17
CA GLN C 227 23.65 -15.75 -10.29
C GLN C 227 23.30 -17.02 -11.06
N THR C 228 23.50 -18.15 -10.40
CA THR C 228 23.05 -19.45 -10.89
C THR C 228 22.52 -20.26 -9.72
N LEU C 229 21.47 -21.04 -9.93
CA LEU C 229 20.91 -21.88 -8.88
C LEU C 229 20.87 -23.32 -9.35
N ALA C 230 20.95 -24.25 -8.39
CA ALA C 230 20.85 -25.67 -8.69
C ALA C 230 20.00 -26.33 -7.63
N LEU C 231 19.28 -27.38 -8.02
CA LEU C 231 18.45 -28.16 -7.11
C LEU C 231 18.87 -29.62 -7.19
N THR C 232 19.02 -30.27 -6.05
CA THR C 232 19.40 -31.67 -6.03
C THR C 232 18.18 -32.53 -5.73
N ASP C 233 18.33 -33.84 -5.94
CA ASP C 233 17.19 -34.71 -5.70
C ASP C 233 16.87 -34.84 -4.22
N GLU C 234 17.75 -34.38 -3.33
CA GLU C 234 17.44 -34.32 -1.90
C GLU C 234 16.77 -33.01 -1.49
N GLY C 235 16.42 -32.16 -2.44
CA GLY C 235 15.84 -30.88 -2.09
C GLY C 235 16.82 -29.79 -1.73
N LEU C 236 18.12 -30.04 -1.85
CA LEU C 236 19.14 -29.03 -1.57
C LEU C 236 19.22 -28.05 -2.73
N VAL C 237 19.24 -26.76 -2.41
CA VAL C 237 19.40 -25.69 -3.41
C VAL C 237 20.77 -25.06 -3.22
N PHE C 238 21.50 -24.91 -4.33
CA PHE C 238 22.79 -24.22 -4.33
C PHE C 238 22.71 -22.95 -5.16
N SER C 239 23.59 -22.00 -4.83
CA SER C 239 23.68 -20.77 -5.60
C SER C 239 25.13 -20.33 -5.70
N TRP C 240 25.43 -19.62 -6.78
CA TRP C 240 26.76 -19.06 -6.99
C TRP C 240 26.65 -17.97 -8.04
N GLY C 241 27.75 -17.25 -8.23
CA GLY C 241 27.78 -16.14 -9.15
C GLY C 241 27.83 -14.80 -8.44
N ASP C 242 27.16 -13.82 -9.03
CA ASP C 242 27.21 -12.47 -8.49
C ASP C 242 26.29 -12.35 -7.27
N GLY C 243 26.76 -11.64 -6.25
CA GLY C 243 26.04 -11.54 -4.99
C GLY C 243 25.25 -10.27 -4.74
N ASP C 244 25.36 -9.29 -5.64
CA ASP C 244 24.60 -8.05 -5.55
C ASP C 244 23.13 -8.30 -5.18
N PHE C 245 22.63 -7.52 -4.23
CA PHE C 245 21.21 -7.48 -3.85
C PHE C 245 20.72 -8.77 -3.22
N GLY C 246 21.63 -9.59 -2.71
CA GLY C 246 21.24 -10.79 -2.01
C GLY C 246 20.74 -11.91 -2.89
N LYS C 247 20.95 -11.86 -4.20
CA LYS C 247 20.28 -12.86 -5.02
C LYS C 247 20.90 -14.26 -4.87
N LEU C 248 22.06 -14.37 -4.22
CA LEU C 248 22.57 -15.70 -3.89
C LEU C 248 21.85 -16.29 -2.69
N GLY C 249 21.12 -15.46 -1.94
CA GLY C 249 20.27 -15.97 -0.88
C GLY C 249 20.96 -16.40 0.39
N ARG C 250 22.21 -16.00 0.61
CA ARG C 250 22.90 -16.32 1.85
C ARG C 250 23.31 -15.05 2.57
N GLY C 251 22.47 -14.01 2.49
CA GLY C 251 22.74 -12.76 3.19
C GLY C 251 23.78 -11.90 2.50
N GLY C 252 23.86 -10.63 2.88
CA GLY C 252 24.91 -9.76 2.38
C GLY C 252 24.82 -9.50 0.88
N SER C 253 26.01 -9.29 0.29
CA SER C 253 26.13 -8.91 -1.10
C SER C 253 27.39 -9.50 -1.74
N GLU C 254 27.97 -10.54 -1.16
CA GLU C 254 29.22 -11.12 -1.62
C GLU C 254 28.97 -12.19 -2.66
N GLY C 255 29.80 -12.19 -3.70
CA GLY C 255 29.69 -13.22 -4.72
C GLY C 255 30.45 -14.48 -4.32
N CYS C 256 30.18 -15.56 -5.04
CA CYS C 256 30.92 -16.80 -4.87
C CYS C 256 31.02 -17.49 -6.21
N ASN C 257 32.21 -17.98 -6.54
CA ASN C 257 32.39 -18.71 -7.80
C ASN C 257 32.40 -20.22 -7.61
N ILE C 258 31.96 -20.70 -6.44
CA ILE C 258 31.61 -22.12 -6.28
C ILE C 258 30.19 -22.23 -5.73
N PRO C 259 29.46 -23.29 -6.07
CA PRO C 259 28.12 -23.47 -5.50
C PRO C 259 28.20 -23.50 -3.98
N GLN C 260 27.25 -22.81 -3.33
CA GLN C 260 27.12 -22.79 -1.88
C GLN C 260 25.67 -23.13 -1.54
N ASN C 261 25.47 -24.02 -0.57
CA ASN C 261 24.12 -24.43 -0.23
C ASN C 261 23.37 -23.26 0.41
N ILE C 262 22.16 -23.02 -0.07
CA ILE C 262 21.26 -22.02 0.52
C ILE C 262 20.60 -22.68 1.73
N GLU C 263 21.22 -22.52 2.89
CA GLU C 263 20.76 -23.20 4.08
C GLU C 263 19.28 -22.95 4.35
N ARG C 264 18.77 -21.75 4.06
CA ARG C 264 17.40 -21.46 4.48
C ARG C 264 16.37 -22.36 3.78
N LEU C 265 16.67 -22.85 2.57
CA LEU C 265 15.71 -23.68 1.85
C LEU C 265 15.83 -25.16 2.19
N ASN C 266 16.80 -25.55 3.01
CA ASN C 266 16.93 -26.95 3.41
C ASN C 266 15.65 -27.46 4.08
N GLY C 267 15.20 -28.63 3.64
CA GLY C 267 14.04 -29.28 4.21
C GLY C 267 12.70 -28.73 3.75
N GLN C 268 12.68 -27.75 2.86
CA GLN C 268 11.43 -27.16 2.41
C GLN C 268 10.78 -27.93 1.26
N GLY C 269 11.45 -28.94 0.69
CA GLY C 269 10.89 -29.63 -0.45
C GLY C 269 10.79 -28.80 -1.71
N VAL C 270 11.80 -27.95 -1.97
CA VAL C 270 11.82 -27.15 -3.20
C VAL C 270 11.82 -28.08 -4.42
N CYS C 271 10.88 -27.85 -5.35
CA CYS C 271 10.78 -28.65 -6.56
C CYS C 271 10.94 -27.84 -7.85
N GLN C 272 11.09 -26.52 -7.78
CA GLN C 272 11.30 -25.70 -8.96
C GLN C 272 12.09 -24.46 -8.58
N ILE C 273 12.99 -24.04 -9.46
CA ILE C 273 13.79 -22.83 -9.26
C ILE C 273 13.82 -22.03 -10.56
N GLU C 274 13.92 -20.70 -10.43
CA GLU C 274 13.92 -19.78 -11.57
C GLU C 274 14.72 -18.54 -11.19
N CYS C 275 15.33 -17.90 -12.19
CA CYS C 275 16.00 -16.61 -12.01
C CYS C 275 15.45 -15.62 -13.03
N GLY C 276 14.86 -14.53 -12.54
CA GLY C 276 14.55 -13.36 -13.35
C GLY C 276 15.73 -12.41 -13.47
N ALA C 277 15.45 -11.12 -13.52
CA ALA C 277 16.52 -10.12 -13.57
C ALA C 277 16.89 -9.74 -12.14
N GLN C 278 18.09 -10.16 -11.71
CA GLN C 278 18.66 -9.84 -10.40
C GLN C 278 17.83 -10.39 -9.24
N PHE C 279 17.01 -11.41 -9.46
CA PHE C 279 16.33 -12.04 -8.34
C PHE C 279 16.10 -13.51 -8.63
N SER C 280 15.72 -14.24 -7.58
CA SER C 280 15.63 -15.68 -7.64
C SER C 280 14.30 -16.09 -7.02
N LEU C 281 13.80 -17.24 -7.44
CA LEU C 281 12.50 -17.71 -6.97
C LEU C 281 12.53 -19.23 -6.84
N ALA C 282 11.96 -19.72 -5.74
CA ALA C 282 11.81 -21.16 -5.53
C ALA C 282 10.37 -21.50 -5.21
N LEU C 283 9.91 -22.63 -5.74
CA LEU C 283 8.60 -23.21 -5.43
C LEU C 283 8.82 -24.54 -4.71
N THR C 284 7.96 -24.83 -3.73
CA THR C 284 8.04 -26.08 -2.99
C THR C 284 6.92 -27.03 -3.37
N LYS C 285 7.15 -28.33 -3.10
CA LYS C 285 6.14 -29.34 -3.37
C LYS C 285 4.83 -29.06 -2.64
N SER C 286 4.90 -28.32 -1.53
CA SER C 286 3.70 -28.00 -0.77
C SER C 286 3.02 -26.73 -1.24
N GLY C 287 3.57 -26.06 -2.25
CA GLY C 287 2.91 -24.91 -2.85
C GLY C 287 3.33 -23.56 -2.33
N VAL C 288 4.48 -23.49 -1.68
CA VAL C 288 5.02 -22.27 -1.08
C VAL C 288 5.99 -21.63 -2.05
N VAL C 289 5.91 -20.31 -2.20
CA VAL C 289 6.81 -19.56 -3.07
C VAL C 289 7.75 -18.72 -2.23
N TRP C 290 9.05 -18.80 -2.54
CA TRP C 290 10.07 -17.98 -1.91
C TRP C 290 10.78 -17.16 -2.97
N THR C 291 11.09 -15.90 -2.63
CA THR C 291 11.87 -15.05 -3.51
C THR C 291 12.94 -14.30 -2.73
N TRP C 292 13.96 -13.87 -3.46
CA TRP C 292 15.03 -13.06 -2.89
C TRP C 292 15.79 -12.40 -4.03
N GLY C 293 16.48 -11.29 -3.69
CA GLY C 293 17.27 -10.56 -4.65
C GLY C 293 16.87 -9.09 -4.70
N LYS C 294 17.06 -8.50 -5.87
CA LYS C 294 16.87 -7.06 -6.00
C LYS C 294 15.39 -6.70 -5.89
N GLY C 295 15.09 -5.62 -5.15
CA GLY C 295 13.72 -5.34 -4.77
C GLY C 295 12.96 -4.33 -5.61
N ASP C 296 13.71 -3.45 -6.28
CA ASP C 296 13.11 -2.38 -7.09
C ASP C 296 11.98 -2.89 -7.96
N TYR C 297 10.93 -2.05 -8.11
CA TYR C 297 9.81 -2.29 -8.99
C TYR C 297 8.97 -3.49 -8.55
N PHE C 298 9.19 -3.97 -7.32
CA PHE C 298 8.30 -4.89 -6.66
C PHE C 298 8.34 -6.27 -7.29
N ARG C 299 9.48 -6.62 -7.89
CA ARG C 299 9.58 -7.92 -8.55
C ARG C 299 9.51 -9.07 -7.54
N LEU C 300 9.72 -8.79 -6.25
CA LEU C 300 9.84 -9.87 -5.29
C LEU C 300 8.50 -10.32 -4.71
N GLY C 301 7.46 -9.49 -4.80
CA GLY C 301 6.12 -9.88 -4.40
C GLY C 301 5.78 -9.72 -2.93
N HIS C 302 6.61 -9.03 -2.14
CA HIS C 302 6.36 -8.90 -0.72
C HIS C 302 5.63 -7.61 -0.36
N GLY C 303 5.30 -6.77 -1.33
CA GLY C 303 4.59 -5.55 -1.07
C GLY C 303 5.47 -4.33 -0.90
N SER C 304 6.76 -4.53 -0.66
CA SER C 304 7.76 -3.47 -0.60
C SER C 304 8.83 -3.74 -1.64
N ASP C 305 9.57 -2.68 -1.99
CA ASP C 305 10.63 -2.84 -2.98
C ASP C 305 12.02 -2.94 -2.35
N VAL C 306 12.11 -3.28 -1.06
CA VAL C 306 13.43 -3.49 -0.45
C VAL C 306 14.01 -4.81 -0.95
N HIS C 307 15.34 -4.88 -1.03
CA HIS C 307 16.03 -6.12 -1.35
C HIS C 307 15.86 -7.13 -0.21
N VAL C 308 15.83 -8.40 -0.57
CA VAL C 308 15.86 -9.46 0.44
C VAL C 308 17.03 -10.37 0.12
N ARG C 309 17.83 -10.66 1.13
CA ARG C 309 19.12 -11.29 0.93
C ARG C 309 19.14 -12.76 1.32
N LYS C 310 18.05 -13.28 1.91
CA LYS C 310 17.80 -14.69 2.13
C LYS C 310 16.35 -14.94 1.74
N PRO C 311 16.04 -16.12 1.22
CA PRO C 311 14.68 -16.40 0.76
C PRO C 311 13.64 -16.00 1.81
N GLN C 312 12.55 -15.39 1.32
CA GLN C 312 11.39 -15.00 2.10
C GLN C 312 10.13 -15.51 1.42
N VAL C 313 9.22 -16.06 2.22
CA VAL C 313 7.96 -16.57 1.68
C VAL C 313 7.18 -15.41 1.06
N VAL C 314 6.54 -15.68 -0.07
CA VAL C 314 5.60 -14.71 -0.61
C VAL C 314 4.28 -14.90 0.12
N GLU C 315 4.08 -14.11 1.19
CA GLU C 315 2.95 -14.32 2.08
C GLU C 315 1.61 -14.06 1.39
N GLY C 316 1.59 -13.20 0.37
CA GLY C 316 0.37 -13.01 -0.38
C GLY C 316 -0.19 -14.27 -1.00
N LEU C 317 0.58 -15.34 -1.05
CA LEU C 317 0.11 -16.61 -1.61
C LEU C 317 -0.03 -17.70 -0.55
N ARG C 318 0.21 -17.37 0.72
CA ARG C 318 0.03 -18.36 1.76
C ARG C 318 -1.41 -18.87 1.75
N GLY C 319 -1.57 -20.18 1.94
CA GLY C 319 -2.86 -20.83 1.84
C GLY C 319 -3.19 -21.35 0.45
N LYS C 320 -2.72 -20.68 -0.59
CA LYS C 320 -2.90 -21.12 -1.97
C LYS C 320 -1.75 -22.05 -2.35
N LYS C 321 -2.08 -23.27 -2.79
CA LYS C 321 -1.06 -24.23 -3.18
C LYS C 321 -0.63 -23.99 -4.61
N ILE C 322 0.56 -23.42 -4.79
CA ILE C 322 1.06 -23.11 -6.12
C ILE C 322 1.65 -24.38 -6.74
N VAL C 323 1.35 -24.62 -8.02
CA VAL C 323 1.85 -25.80 -8.73
C VAL C 323 2.75 -25.45 -9.88
N HIS C 324 2.84 -24.18 -10.28
CA HIS C 324 3.76 -23.79 -11.31
C HIS C 324 4.03 -22.29 -11.17
N VAL C 325 5.26 -21.89 -11.52
CA VAL C 325 5.69 -20.50 -11.47
C VAL C 325 6.49 -20.18 -12.73
N ALA C 326 6.57 -18.87 -13.03
CA ALA C 326 7.41 -18.37 -14.10
C ALA C 326 7.83 -16.96 -13.72
N VAL C 327 8.97 -16.51 -14.25
CA VAL C 327 9.51 -15.20 -13.94
C VAL C 327 9.90 -14.50 -15.23
N GLY C 328 9.62 -13.22 -15.30
CA GLY C 328 10.16 -12.35 -16.32
C GLY C 328 11.35 -11.56 -15.81
N ALA C 329 11.53 -10.36 -16.39
CA ALA C 329 12.56 -9.46 -15.89
C ALA C 329 12.15 -8.86 -14.55
N LEU C 330 10.92 -8.32 -14.48
CA LEU C 330 10.44 -7.60 -13.31
C LEU C 330 9.11 -8.13 -12.81
N HIS C 331 8.66 -9.28 -13.28
CA HIS C 331 7.34 -9.77 -12.88
C HIS C 331 7.35 -11.28 -12.76
N CYS C 332 6.39 -11.79 -11.99
CA CYS C 332 6.24 -13.21 -11.72
C CYS C 332 4.80 -13.64 -11.99
N LEU C 333 4.64 -14.91 -12.35
CA LEU C 333 3.35 -15.55 -12.48
C LEU C 333 3.33 -16.80 -11.62
N ALA C 334 2.22 -17.04 -10.93
CA ALA C 334 2.01 -18.27 -10.18
C ALA C 334 0.58 -18.76 -10.38
N VAL C 335 0.42 -20.06 -10.54
CA VAL C 335 -0.88 -20.66 -10.79
C VAL C 335 -1.17 -21.70 -9.71
N THR C 336 -2.39 -21.66 -9.16
CA THR C 336 -2.77 -22.58 -8.09
C THR C 336 -3.16 -23.94 -8.65
N ASP C 337 -3.35 -24.90 -7.73
CA ASP C 337 -3.86 -26.20 -8.14
C ASP C 337 -5.31 -26.15 -8.61
N SER C 338 -6.03 -25.05 -8.37
CA SER C 338 -7.39 -24.89 -8.90
C SER C 338 -7.42 -24.02 -10.16
N GLY C 339 -6.26 -23.64 -10.69
CA GLY C 339 -6.18 -22.98 -11.98
C GLY C 339 -6.11 -21.46 -11.96
N GLN C 340 -6.16 -20.82 -10.80
CA GLN C 340 -6.09 -19.37 -10.76
C GLN C 340 -4.64 -18.89 -10.90
N VAL C 341 -4.45 -17.85 -11.70
CA VAL C 341 -3.14 -17.26 -11.99
C VAL C 341 -2.99 -15.96 -11.24
N TYR C 342 -1.91 -15.85 -10.45
CA TYR C 342 -1.53 -14.64 -9.74
C TYR C 342 -0.26 -14.03 -10.34
N ALA C 343 -0.24 -12.71 -10.45
CA ALA C 343 0.93 -11.99 -10.93
C ALA C 343 1.33 -10.92 -9.93
N TRP C 344 2.61 -10.54 -9.96
CA TRP C 344 3.10 -9.40 -9.20
C TRP C 344 4.29 -8.81 -9.93
N GLY C 345 4.56 -7.55 -9.63
CA GLY C 345 5.73 -6.89 -10.19
C GLY C 345 5.36 -5.72 -11.08
N ASP C 346 6.32 -5.32 -11.90
CA ASP C 346 6.17 -4.14 -12.74
C ASP C 346 5.11 -4.35 -13.84
N ASN C 347 4.49 -3.23 -14.25
CA ASN C 347 3.38 -3.30 -15.19
C ASN C 347 3.45 -2.20 -16.25
N ASP C 348 4.64 -1.67 -16.55
CA ASP C 348 4.75 -0.64 -17.58
C ASP C 348 4.18 -1.12 -18.92
N HIS C 349 4.17 -2.43 -19.15
CA HIS C 349 3.71 -2.98 -20.42
C HIS C 349 2.47 -3.84 -20.26
N GLY C 350 1.74 -3.70 -19.15
CA GLY C 350 0.56 -4.51 -18.96
C GLY C 350 0.84 -5.97 -18.66
N GLN C 351 2.10 -6.33 -18.34
CA GLN C 351 2.42 -7.74 -18.15
C GLN C 351 1.84 -8.29 -16.86
N GLN C 352 1.32 -7.45 -15.97
CA GLN C 352 0.57 -7.98 -14.83
C GLN C 352 -0.79 -8.56 -15.25
N GLY C 353 -1.33 -8.13 -16.39
CA GLY C 353 -2.63 -8.61 -16.78
C GLY C 353 -3.75 -8.19 -15.85
N ASN C 354 -3.64 -7.03 -15.21
CA ASN C 354 -4.73 -6.52 -14.42
C ASN C 354 -5.55 -5.45 -15.16
N GLY C 355 -5.46 -5.40 -16.49
CA GLY C 355 -6.19 -4.45 -17.30
C GLY C 355 -5.75 -3.01 -17.15
N THR C 356 -4.58 -2.75 -16.58
CA THR C 356 -4.06 -1.40 -16.41
C THR C 356 -2.54 -1.43 -16.62
N THR C 357 -1.90 -0.29 -16.39
CA THR C 357 -0.46 -0.24 -16.28
C THR C 357 -0.01 0.00 -14.83
N THR C 358 -0.89 -0.26 -13.86
CA THR C 358 -0.54 -0.13 -12.46
C THR C 358 0.24 -1.34 -11.96
N VAL C 359 1.26 -1.06 -11.15
CA VAL C 359 2.11 -2.08 -10.54
C VAL C 359 1.31 -2.95 -9.59
N ASN C 360 1.66 -4.24 -9.51
CA ASN C 360 1.17 -5.16 -8.46
C ASN C 360 2.26 -5.29 -7.38
N ARG C 361 2.14 -4.52 -6.30
CA ARG C 361 3.10 -4.64 -5.20
C ARG C 361 3.01 -6.02 -4.54
N LYS C 362 1.86 -6.66 -4.62
CA LYS C 362 1.58 -7.94 -4.00
C LYS C 362 0.93 -8.85 -5.03
N PRO C 363 0.97 -10.16 -4.82
CA PRO C 363 0.35 -11.08 -5.79
C PRO C 363 -1.11 -10.76 -6.01
N THR C 364 -1.48 -10.53 -7.28
CA THR C 364 -2.83 -10.12 -7.63
C THR C 364 -3.36 -11.04 -8.73
N LEU C 365 -4.60 -11.49 -8.56
CA LEU C 365 -5.24 -12.38 -9.52
C LEU C 365 -5.30 -11.72 -10.90
N VAL C 366 -4.92 -12.45 -11.93
CA VAL C 366 -5.10 -11.95 -13.27
C VAL C 366 -6.55 -12.17 -13.69
N GLN C 367 -7.12 -11.18 -14.38
N GLN C 367 -7.15 -11.19 -14.35
CA GLN C 367 -8.53 -11.22 -14.69
CA GLN C 367 -8.60 -11.21 -14.57
C GLN C 367 -8.77 -12.05 -15.93
C GLN C 367 -8.93 -11.78 -15.94
N GLY C 368 -9.93 -12.67 -15.97
CA GLY C 368 -10.42 -13.23 -17.21
C GLY C 368 -10.15 -14.71 -17.44
N LEU C 369 -9.51 -15.40 -16.51
CA LEU C 369 -9.16 -16.80 -16.73
C LEU C 369 -10.02 -17.76 -15.90
N GLU C 370 -11.10 -17.30 -15.26
CA GLU C 370 -11.89 -18.23 -14.45
C GLU C 370 -12.57 -19.25 -15.35
N GLY C 371 -12.51 -20.52 -14.97
CA GLY C 371 -13.01 -21.60 -15.79
C GLY C 371 -11.99 -22.26 -16.69
N GLN C 372 -10.88 -21.59 -16.98
CA GLN C 372 -9.75 -22.22 -17.66
C GLN C 372 -8.84 -22.80 -16.59
N LYS C 373 -8.75 -24.12 -16.53
CA LYS C 373 -7.83 -24.68 -15.56
C LYS C 373 -6.41 -24.50 -16.07
N ILE C 374 -5.91 -23.26 -16.03
CA ILE C 374 -4.52 -23.00 -16.34
C ILE C 374 -3.65 -23.95 -15.50
N THR C 375 -2.73 -24.64 -16.17
CA THR C 375 -1.79 -25.51 -15.46
C THR C 375 -0.34 -25.05 -15.55
N ARG C 376 -0.04 -24.09 -16.42
CA ARG C 376 1.34 -23.69 -16.68
C ARG C 376 1.41 -22.22 -17.02
N VAL C 377 2.42 -21.55 -16.51
CA VAL C 377 2.64 -20.15 -16.85
C VAL C 377 4.05 -20.00 -17.38
N ALA C 378 4.27 -18.88 -18.06
CA ALA C 378 5.58 -18.57 -18.59
C ALA C 378 5.64 -17.06 -18.83
N CYS C 379 6.86 -16.53 -18.82
CA CYS C 379 7.09 -15.11 -19.03
C CYS C 379 8.27 -14.93 -19.95
N GLY C 380 8.26 -13.82 -20.69
CA GLY C 380 9.44 -13.25 -21.28
C GLY C 380 9.86 -11.98 -20.56
N SER C 381 10.74 -11.22 -21.21
CA SER C 381 11.20 -9.97 -20.62
C SER C 381 10.05 -9.11 -20.10
N SER C 382 9.03 -8.88 -20.93
CA SER C 382 7.93 -8.06 -20.48
C SER C 382 6.58 -8.58 -20.96
N HIS C 383 6.44 -9.90 -21.14
CA HIS C 383 5.17 -10.49 -21.58
C HIS C 383 4.91 -11.75 -20.77
N SER C 384 3.67 -12.22 -20.83
CA SER C 384 3.20 -13.31 -19.98
C SER C 384 2.35 -14.29 -20.78
N VAL C 385 2.32 -15.54 -20.31
CA VAL C 385 1.67 -16.64 -21.03
C VAL C 385 1.05 -17.57 -20.01
N ALA C 386 -0.17 -18.02 -20.28
CA ALA C 386 -0.82 -19.02 -19.47
C ALA C 386 -1.45 -20.03 -20.40
N TRP C 387 -1.36 -21.31 -20.06
CA TRP C 387 -1.97 -22.30 -20.92
C TRP C 387 -2.41 -23.47 -20.06
N THR C 388 -3.26 -24.31 -20.65
CA THR C 388 -3.93 -25.37 -19.93
C THR C 388 -3.85 -26.65 -20.76
N THR C 389 -3.41 -27.73 -20.12
CA THR C 389 -3.17 -29.03 -20.77
C THR C 389 -2.74 -28.88 -22.23
C1 CIT D . -12.95 2.73 4.19
O1 CIT D . -13.82 3.11 4.99
O2 CIT D . -11.88 2.18 4.53
C2 CIT D . -13.20 2.96 2.71
C3 CIT D . -13.62 1.71 1.92
O7 CIT D . -14.94 1.36 2.29
C4 CIT D . -13.57 1.99 0.41
C5 CIT D . -14.09 3.35 -0.03
O3 CIT D . -15.30 3.55 0.04
O4 CIT D . -13.28 4.18 -0.44
C6 CIT D . -12.65 0.56 2.24
O5 CIT D . -13.15 -0.55 2.50
O6 CIT D . -11.43 0.80 2.21
H21 CIT D . -12.39 3.34 2.31
H22 CIT D . -13.91 3.64 2.62
HO7 CIT D . -15.41 2.06 2.32
H41 CIT D . -14.09 1.30 -0.05
H42 CIT D . -12.64 1.91 0.11
C1 CIT E . -24.69 1.03 5.26
O1 CIT E . -25.06 1.47 6.37
O2 CIT E . -23.89 0.07 5.23
C2 CIT E . -25.23 1.65 3.98
C3 CIT E . -24.20 2.42 3.15
O7 CIT E . -23.24 3.10 4.01
C4 CIT E . -23.44 1.49 2.20
C5 CIT E . -22.40 0.70 2.95
O3 CIT E . -22.40 -0.55 2.87
O4 CIT E . -21.54 1.27 3.65
C6 CIT E . -24.97 3.46 2.34
O5 CIT E . -25.62 3.11 1.33
O6 CIT E . -25.00 4.66 2.69
H21 CIT E . -26.05 2.30 4.23
H22 CIT E . -25.64 0.84 3.37
HO7 CIT E . -23.31 4.07 3.88
H41 CIT E . -22.96 2.09 1.42
H42 CIT E . -24.15 0.82 1.72
C1 CIT F . 31.75 20.45 17.49
O1 CIT F . 32.14 21.50 16.95
O2 CIT F . 32.54 19.79 18.19
C2 CIT F . 30.33 19.95 17.29
C3 CIT F . 29.29 20.75 18.09
O7 CIT F . 28.25 19.82 18.46
C4 CIT F . 29.79 21.47 19.36
C5 CIT F . 30.38 20.55 20.40
O3 CIT F . 30.18 19.31 20.39
O4 CIT F . 31.09 21.02 21.33
C6 CIT F . 28.61 21.78 17.21
O5 CIT F . 28.27 21.51 16.04
O6 CIT F . 28.35 22.92 17.67
H21 CIT F . 30.28 18.91 17.59
H22 CIT F . 30.08 20.00 16.24
HO7 CIT F . 27.41 20.09 18.07
H41 CIT F . 28.97 22.03 19.80
H42 CIT F . 30.56 22.20 19.07
C1 CIT G . 22.26 -4.06 21.53
O1 CIT G . 21.31 -3.28 21.69
O2 CIT G . 22.75 -4.33 20.42
C2 CIT G . 22.86 -4.69 22.76
C3 CIT G . 22.89 -6.23 22.77
O7 CIT G . 21.62 -6.71 22.39
C4 CIT G . 23.94 -6.71 21.76
C5 CIT G . 23.37 -7.15 20.42
O3 CIT G . 22.15 -7.29 20.33
O4 CIT G . 24.17 -7.35 19.50
C6 CIT G . 23.27 -6.74 24.18
O5 CIT G . 22.58 -7.66 24.67
O6 CIT G . 24.26 -6.23 24.73
H21 CIT G . 22.35 -4.39 23.55
H22 CIT G . 23.78 -4.37 22.87
HO7 CIT G . 21.42 -7.36 22.89
H41 CIT G . 24.43 -7.45 22.15
H42 CIT G . 24.58 -5.99 21.60
C1 CIT H . 15.64 -8.97 22.10
O1 CIT H . 16.46 -9.90 21.88
O2 CIT H . 15.97 -7.79 21.85
C2 CIT H . 14.29 -9.27 22.69
C3 CIT H . 13.21 -9.62 21.65
O7 CIT H . 13.35 -8.82 20.45
C4 CIT H . 13.23 -11.10 21.27
C5 CIT H . 14.39 -11.41 20.33
O3 CIT H . 14.65 -12.59 20.05
O4 CIT H . 15.08 -10.50 19.82
C6 CIT H . 11.87 -9.26 22.28
O5 CIT H . 11.18 -8.32 21.84
O6 CIT H . 11.47 -9.86 23.30
H21 CIT H . 13.95 -8.40 23.26
H22 CIT H . 14.38 -10.10 23.40
HO7 CIT H . 12.56 -8.25 20.34
H41 CIT H . 12.29 -11.37 20.78
H42 CIT H . 13.32 -11.70 22.17
C1 CIT I . 16.68 -0.74 -13.84
O1 CIT I . 15.52 -0.44 -14.22
O2 CIT I . 17.04 -0.47 -12.67
C2 CIT I . 17.62 -1.43 -14.79
C3 CIT I . 18.60 -2.27 -13.99
O7 CIT I . 18.65 -1.80 -12.63
C4 CIT I . 18.17 -3.74 -14.01
C5 CIT I . 17.17 -4.08 -12.91
O3 CIT I . 16.81 -5.27 -12.79
O4 CIT I . 16.70 -3.23 -12.13
C6 CIT I . 20.00 -2.14 -14.60
O5 CIT I . 20.17 -1.65 -15.74
O6 CIT I . 21.02 -2.52 -13.96
H21 CIT I . 18.16 -0.69 -15.38
H22 CIT I . 17.05 -2.08 -15.48
HO7 CIT I . 19.57 -1.51 -12.42
H41 CIT I . 19.04 -4.37 -13.90
H42 CIT I . 17.72 -3.97 -14.97
C1 CIT J . 11.84 -2.28 -20.90
O1 CIT J . 10.97 -1.43 -21.15
O2 CIT J . 12.92 -1.92 -20.34
C2 CIT J . 11.61 -3.73 -21.25
C3 CIT J . 11.96 -4.03 -22.71
O7 CIT J . 10.98 -3.41 -23.56
C4 CIT J . 13.35 -3.51 -23.08
C5 CIT J . 13.25 -2.18 -23.79
O3 CIT J . 12.15 -1.77 -24.23
O4 CIT J . 14.27 -1.47 -23.94
C6 CIT J . 11.89 -5.54 -22.89
O5 CIT J . 10.83 -6.16 -22.69
O6 CIT J . 12.91 -6.20 -23.22
H21 CIT J . 10.56 -3.98 -21.07
H22 CIT J . 12.22 -4.36 -20.60
HO7 CIT J . 10.50 -4.09 -24.08
H41 CIT J . 13.84 -4.23 -23.73
H42 CIT J . 13.95 -3.40 -22.18
C1 CIT K . 17.41 -20.02 8.88
O1 CIT K . 16.49 -19.33 9.37
O2 CIT K . 17.58 -21.19 9.30
C2 CIT K . 18.31 -19.47 7.80
C3 CIT K . 19.57 -18.87 8.40
O7 CIT K . 20.34 -19.94 9.03
C4 CIT K . 20.43 -18.22 7.33
C5 CIT K . 21.52 -19.16 6.87
O3 CIT K . 21.94 -19.11 5.68
O4 CIT K . 22.03 -19.98 7.67
C6 CIT K . 19.20 -17.83 9.44
O5 CIT K . 18.85 -16.69 9.08
O6 CIT K . 19.23 -18.08 10.67
H21 CIT K . 17.77 -18.70 7.23
H22 CIT K . 18.57 -20.27 7.10
HO7 CIT K . 20.45 -19.73 9.99
H41 CIT K . 20.87 -17.31 7.72
H42 CIT K . 19.80 -17.95 6.48
C1 CIT L . 34.60 -31.10 -17.76
O1 CIT L . 34.35 -30.12 -18.49
O2 CIT L . 35.20 -30.92 -16.68
C2 CIT L . 34.17 -32.49 -18.19
C3 CIT L . 34.99 -32.98 -19.38
O7 CIT L . 35.57 -34.26 -19.03
C4 CIT L . 34.13 -33.19 -20.62
C5 CIT L . 33.34 -34.46 -20.44
O3 CIT L . 33.35 -35.35 -21.32
O4 CIT L . 32.67 -34.65 -19.40
C6 CIT L . 36.12 -32.01 -19.67
O5 CIT L . 36.00 -31.14 -20.56
O6 CIT L . 37.19 -32.07 -19.01
H21 CIT L . 33.11 -32.48 -18.45
H22 CIT L . 34.29 -33.18 -17.35
HO7 CIT L . 36.55 -34.19 -19.06
H41 CIT L . 34.76 -33.26 -21.51
H42 CIT L . 33.45 -32.34 -20.76
#